data_2WPN
#
_entry.id   2WPN
#
_cell.length_a   60.596
_cell.length_b   91.223
_cell.length_c   66.751
_cell.angle_alpha   90.00
_cell.angle_beta   101.73
_cell.angle_gamma   90.00
#
_symmetry.space_group_name_H-M   'P 1 21 1'
#
loop_
_entity.id
_entity.type
_entity.pdbx_description
1 polymer 'PERIPLASMIC [NIFESE] HYDROGENASE, SMALL SUBUNIT'
2 polymer 'PERIPLASMIC [NIFESE] HYDROGENASE, LARGE SUBUNIT, SELENOCYSTEINE-CONTAINING'
3 non-polymer 'IRON/SULFUR CLUSTER'
4 non-polymer 'BIS-(MU-2-OXO),[(MU-3--SULFIDO)-BIS(MU-2--SULFIDO)-TRIS(CYS-S)-TRI-IRON] (AQUA)(GLU-O)IRON(II)'
5 non-polymer 3-[DODECYL(DIMETHYL)AMMONIO]PROPANE-1-SULFONATE
6 non-polymer 'CARBONMONOXIDE-(DICYANO) IRON'
7 non-polymer 'NICKEL (II) ION'
8 non-polymer 'FE (II) ION'
9 non-polymer 'CHLORIDE ION'
10 water water
#
loop_
_entity_poly.entity_id
_entity_poly.type
_entity_poly.pdbx_seq_one_letter_code
_entity_poly.pdbx_strand_id
1 'polypeptide(L)'
;MSLTRRDFVKLCTGTVAGFGISQMFHPAVHEALAGTLTGERPPVFWLQGQGCTGCSVTLLNSVHPSIADVLLKVISLEFH
PTVMAWEGEHAIEHMRKVAEKFKGKFFLVIEGSVPVEADGKYCIIGEANHHEISMVDALKEFGPNAAAVLAVGTCAAYGG
IPAAEGSETGATAVSKFLGDNGIKTPVVNIPGCPPHPDWIVGTVVLALDAIKKNGLEGGLAEVVKVLDSDGRPTPFFGRN
IHENCPYLDKYDEGVMSATFTDKVGCRYDLGCKGPMTMADCFERKWNGGVNWCVQNAVCIGCVEPDFPDGKSPFYQA
;
A
2 'polypeptide(L)'
;MSGCTPKAAPAGATGRTTIAIDPVTRIEGHLKAEVVVENGKVVDARLSGGMYRGFETILRGRDPRDASQIVQRI(OCS)G
VCPTAHSTASVLALDEAFGAKVPNNGRITRNLIFGANYLQSHILHFYHLSAQDFVQGPDTAPFVPRFPKSDLRLSKELNK
AGVDQYIEALEVRRICHEMVALFGGRMPHVQGQVVGGATEIPTKEKLVEYAARFKKVRDFVEQKYVPVVYTIGSKYKDMF
KVGQGFKAALCVGAFPLDNSGKKHLFMPGVYAKGKDMPFDPSKIKEYVKYSWFAEETTGLNYKEGKTIPAPDKAGAYSFV
KAPRYDGLSLEVGPLARMWVNNPELSPVGKKLLKDLFGISAKKFRDLGEEAAFSLMGRHVARAEETYYMLGAIEGWLKEI
KAGEDTVVMPAVPASAEGTGFTEAPRGSLLHYVKVKDSKIDNYQIVSASLWNCNPRDDMGQRGAVEEALIGIPVDDIQNP
VNVARLIRAFDP(PSW)LGCAVH
;
B
#
loop_
_chem_comp.id
_chem_comp.type
_chem_comp.name
_chem_comp.formula
CL non-polymer 'CHLORIDE ION' 'Cl -1'
FCO non-polymer 'CARBONMONOXIDE-(DICYANO) IRON' 'C3 Fe N2 O'
FE2 non-polymer 'FE (II) ION' 'Fe 2'
FSX non-polymer 'BIS-(MU-2-OXO),[(MU-3--SULFIDO)-BIS(MU-2--SULFIDO)-TRIS(CYS-S)-TRI-IRON] (AQUA)(GLU-O)IRON(II)' 'Fe4 O3 S3'
NI non-polymer 'NICKEL (II) ION' 'Ni 2'
SBY non-polymer 3-[DODECYL(DIMETHYL)AMMONIO]PROPANE-1-SULFONATE 'C17 H37 N O3 S'
SF4 non-polymer 'IRON/SULFUR CLUSTER' 'Fe4 S4'
#
# COMPACT_ATOMS: atom_id res chain seq x y z
N ARG A 41 7.66 23.56 -18.74
CA ARG A 41 7.59 22.42 -17.78
C ARG A 41 7.42 21.12 -18.55
N PRO A 42 8.52 20.37 -18.73
CA PRO A 42 8.45 19.06 -19.33
C PRO A 42 7.48 18.20 -18.52
N PRO A 43 6.63 17.42 -19.20
CA PRO A 43 5.75 16.46 -18.52
C PRO A 43 6.51 15.26 -18.00
N VAL A 44 5.93 14.62 -16.98
CA VAL A 44 6.42 13.37 -16.44
C VAL A 44 5.18 12.43 -16.43
N PHE A 45 5.38 11.20 -16.89
CA PHE A 45 4.35 10.18 -16.77
C PHE A 45 4.97 9.18 -15.81
N TRP A 46 4.24 8.86 -14.75
CA TRP A 46 4.63 7.90 -13.75
C TRP A 46 3.88 6.59 -14.01
N LEU A 47 4.60 5.59 -14.53
CA LEU A 47 3.96 4.29 -14.82
C LEU A 47 4.36 3.28 -13.77
N GLN A 48 3.36 2.55 -13.28
CA GLN A 48 3.57 1.47 -12.31
C GLN A 48 3.39 0.14 -13.01
N GLY A 49 4.40 -0.73 -12.95
CA GLY A 49 4.29 -2.14 -13.42
C GLY A 49 4.03 -3.02 -12.21
N GLN A 50 4.86 -4.02 -11.97
CA GLN A 50 4.78 -4.84 -10.77
C GLN A 50 5.42 -4.10 -9.55
N GLY A 51 4.75 -3.06 -9.07
CA GLY A 51 5.23 -2.34 -7.92
C GLY A 51 4.21 -2.50 -6.79
N CYS A 52 4.53 -1.90 -5.64
CA CYS A 52 3.73 -2.03 -4.44
C CYS A 52 3.30 -0.64 -3.98
N THR A 53 3.60 0.34 -4.86
CA THR A 53 3.25 1.75 -4.63
C THR A 53 4.17 2.37 -3.54
N GLY A 54 5.08 1.58 -3.01
CA GLY A 54 5.98 2.04 -1.99
C GLY A 54 6.92 3.13 -2.46
N CYS A 55 7.33 3.10 -3.73
CA CYS A 55 8.13 4.18 -4.30
C CYS A 55 7.34 5.52 -4.39
N SER A 56 6.02 5.49 -4.64
CA SER A 56 5.23 6.72 -4.52
C SER A 56 5.04 7.20 -3.06
N VAL A 57 4.87 6.25 -2.12
CA VAL A 57 4.66 6.65 -0.72
C VAL A 57 5.94 7.21 -0.14
N THR A 58 7.08 6.61 -0.46
CA THR A 58 8.34 7.11 0.05
C THR A 58 8.57 8.55 -0.42
N LEU A 59 8.20 8.84 -1.66
CA LEU A 59 8.37 10.19 -2.19
C LEU A 59 7.49 11.17 -1.39
N LEU A 60 6.27 10.73 -1.03
CA LEU A 60 5.36 11.57 -0.24
C LEU A 60 5.94 11.87 1.15
N ASN A 61 6.95 11.11 1.56
CA ASN A 61 7.61 11.41 2.83
C ASN A 61 8.76 12.44 2.72
N SER A 62 9.00 12.97 1.53
CA SER A 62 10.19 13.84 1.34
C SER A 62 10.14 15.10 2.21
N VAL A 63 11.25 15.44 2.87
CA VAL A 63 11.45 16.80 3.43
C VAL A 63 12.42 17.65 2.60
N HIS A 64 12.83 17.16 1.43
CA HIS A 64 13.74 17.91 0.54
C HIS A 64 13.19 19.29 0.22
N PRO A 65 13.99 20.37 0.47
CA PRO A 65 13.46 21.72 0.24
C PRO A 65 13.02 21.99 -1.21
N SER A 66 13.46 21.15 -2.17
CA SER A 66 13.16 21.38 -3.59
C SER A 66 11.89 20.70 -4.10
N ILE A 67 11.28 19.84 -3.30
CA ILE A 67 10.27 18.93 -3.87
C ILE A 67 9.03 19.64 -4.42
N ALA A 68 8.45 20.56 -3.66
CA ALA A 68 7.27 21.33 -4.17
C ALA A 68 7.61 22.11 -5.45
N ASP A 69 8.77 22.77 -5.47
CA ASP A 69 9.24 23.46 -6.66
C ASP A 69 9.37 22.52 -7.85
N VAL A 70 9.89 21.31 -7.61
CA VAL A 70 10.05 20.33 -8.70
C VAL A 70 8.68 20.15 -9.35
N LEU A 71 7.69 19.79 -8.53
CA LEU A 71 6.37 19.37 -9.00
C LEU A 71 5.50 20.54 -9.46
N LEU A 72 5.77 21.73 -8.94
CA LEU A 72 4.94 22.90 -9.28
C LEU A 72 5.55 23.80 -10.36
N LYS A 73 6.88 23.83 -10.47
CA LYS A 73 7.53 24.75 -11.38
C LYS A 73 8.43 24.09 -12.43
N VAL A 74 9.08 22.99 -12.05
CA VAL A 74 10.11 22.36 -12.87
C VAL A 74 9.50 21.43 -13.94
N ILE A 75 8.75 20.44 -13.46
CA ILE A 75 8.04 19.54 -14.33
C ILE A 75 6.51 19.62 -14.13
N SER A 76 5.79 18.93 -15.00
CA SER A 76 4.36 18.74 -14.83
C SER A 76 4.04 17.23 -14.74
N LEU A 77 3.59 16.76 -13.57
CA LEU A 77 3.25 15.37 -13.34
C LEU A 77 1.91 15.10 -14.02
N GLU A 78 1.96 14.71 -15.29
CA GLU A 78 0.73 14.69 -16.09
C GLU A 78 -0.08 13.42 -15.95
N PHE A 79 0.61 12.31 -15.66
CA PHE A 79 0.00 11.02 -15.43
C PHE A 79 0.63 10.35 -14.20
N HIS A 80 -0.20 10.07 -13.21
CA HIS A 80 0.18 9.23 -12.05
C HIS A 80 -1.11 8.65 -11.52
N PRO A 81 -1.29 7.33 -11.70
CA PRO A 81 -2.60 6.73 -11.37
C PRO A 81 -3.02 6.78 -9.89
N THR A 82 -2.06 6.84 -8.97
CA THR A 82 -2.40 6.91 -7.56
C THR A 82 -3.00 8.27 -7.17
N VAL A 83 -2.56 9.35 -7.81
CA VAL A 83 -2.93 10.69 -7.31
C VAL A 83 -3.67 11.63 -8.25
N MET A 84 -3.73 11.31 -9.55
CA MET A 84 -4.24 12.26 -10.55
C MET A 84 -5.76 12.36 -10.49
N ALA A 85 -6.33 13.49 -10.93
CA ALA A 85 -7.78 13.64 -10.87
C ALA A 85 -8.58 12.74 -11.81
N TRP A 86 -8.12 12.59 -13.06
CA TRP A 86 -8.88 11.85 -14.05
C TRP A 86 -8.63 10.36 -13.96
N GLU A 87 -9.34 9.60 -14.78
CA GLU A 87 -9.33 8.12 -14.67
C GLU A 87 -9.50 7.43 -16.02
N GLY A 88 -9.11 6.15 -16.06
CA GLY A 88 -9.37 5.29 -17.21
C GLY A 88 -8.87 5.75 -18.55
N GLU A 89 -9.66 5.45 -19.58
CA GLU A 89 -9.23 5.75 -20.94
C GLU A 89 -9.03 7.26 -21.09
N HIS A 90 -9.77 8.06 -20.33
CA HIS A 90 -9.59 9.50 -20.31
C HIS A 90 -8.17 9.89 -19.84
N ALA A 91 -7.66 9.24 -18.79
CA ALA A 91 -6.32 9.49 -18.29
C ALA A 91 -5.28 9.03 -19.31
N ILE A 92 -5.51 7.86 -19.90
CA ILE A 92 -4.61 7.30 -20.89
C ILE A 92 -4.56 8.21 -22.10
N GLU A 93 -5.73 8.62 -22.60
CA GLU A 93 -5.80 9.51 -23.78
C GLU A 93 -5.05 10.80 -23.52
N HIS A 94 -5.19 11.35 -22.32
CA HIS A 94 -4.47 12.56 -21.92
C HIS A 94 -2.96 12.36 -21.94
N MET A 95 -2.48 11.31 -21.28
CA MET A 95 -1.08 10.96 -21.40
C MET A 95 -0.61 10.89 -22.87
N ARG A 96 -1.34 10.19 -23.72
CA ARG A 96 -0.95 10.02 -25.14
C ARG A 96 -0.90 11.37 -25.87
N LYS A 97 -1.87 12.25 -25.62
CA LYS A 97 -1.90 13.60 -26.24
C LYS A 97 -0.69 14.44 -25.81
N VAL A 98 -0.40 14.45 -24.50
CA VAL A 98 0.80 15.13 -24.00
C VAL A 98 2.10 14.52 -24.56
N ALA A 99 2.19 13.19 -24.63
CA ALA A 99 3.35 12.51 -25.21
C ALA A 99 3.65 12.93 -26.67
N GLU A 100 2.59 13.12 -27.44
CA GLU A 100 2.67 13.48 -28.83
C GLU A 100 3.17 14.93 -28.88
N LYS A 101 2.50 15.82 -28.14
CA LYS A 101 2.90 17.23 -28.13
C LYS A 101 4.34 17.43 -27.60
N PHE A 102 4.76 16.56 -26.69
CA PHE A 102 6.10 16.63 -26.15
C PHE A 102 7.00 15.45 -26.51
N LYS A 103 6.82 14.85 -27.68
CA LYS A 103 7.71 13.77 -28.13
C LYS A 103 9.20 14.12 -28.02
N GLY A 104 9.99 13.24 -27.39
CA GLY A 104 11.44 13.46 -27.26
C GLY A 104 11.78 14.28 -26.01
N LYS A 105 10.77 14.90 -25.41
CA LYS A 105 10.96 15.85 -24.35
C LYS A 105 10.36 15.48 -23.02
N PHE A 106 9.53 14.42 -22.94
CA PHE A 106 8.94 14.06 -21.67
C PHE A 106 9.78 13.05 -20.91
N PHE A 107 9.53 12.91 -19.62
CA PHE A 107 10.25 11.94 -18.80
C PHE A 107 9.34 10.86 -18.25
N LEU A 108 9.84 9.62 -18.22
CA LEU A 108 9.08 8.51 -17.72
C LEU A 108 9.64 8.15 -16.35
N VAL A 109 8.80 8.18 -15.34
CA VAL A 109 9.16 7.48 -14.12
C VAL A 109 8.48 6.08 -14.19
N ILE A 110 9.27 5.02 -14.07
CA ILE A 110 8.77 3.64 -13.96
C ILE A 110 9.04 3.11 -12.55
N GLU A 111 7.99 2.52 -11.92
CA GLU A 111 8.00 1.90 -10.59
C GLU A 111 7.49 0.45 -10.77
N GLY A 112 8.24 -0.54 -10.32
CA GLY A 112 7.87 -1.93 -10.52
C GLY A 112 8.58 -2.53 -11.71
N SER A 113 8.69 -3.86 -11.72
CA SER A 113 9.27 -4.60 -12.81
C SER A 113 8.24 -4.77 -13.94
N VAL A 114 8.73 -5.20 -15.09
CA VAL A 114 7.90 -5.51 -16.24
C VAL A 114 7.88 -7.01 -16.51
N PRO A 115 6.70 -7.64 -16.36
CA PRO A 115 6.58 -9.09 -16.56
C PRO A 115 6.40 -9.39 -18.04
N VAL A 116 7.27 -10.23 -18.62
CA VAL A 116 7.13 -10.54 -20.04
C VAL A 116 6.38 -11.84 -20.34
N GLU A 117 6.21 -12.73 -19.37
CA GLU A 117 5.53 -14.00 -19.59
C GLU A 117 4.10 -13.77 -20.02
N ALA A 118 3.55 -14.82 -20.65
CA ALA A 118 2.15 -14.87 -21.09
C ALA A 118 1.78 -13.57 -21.82
N ASP A 119 2.62 -13.21 -22.78
CA ASP A 119 2.38 -12.06 -23.65
C ASP A 119 2.06 -10.76 -22.86
N GLY A 120 2.70 -10.56 -21.71
CA GLY A 120 2.53 -9.34 -20.93
C GLY A 120 1.31 -9.26 -20.04
N LYS A 121 0.53 -10.34 -19.99
CA LYS A 121 -0.77 -10.35 -19.27
C LYS A 121 -0.73 -10.33 -17.74
N TYR A 122 0.44 -10.59 -17.14
CA TYR A 122 0.59 -10.37 -15.70
C TYR A 122 0.69 -8.90 -15.26
N CYS A 123 0.70 -7.94 -16.19
CA CYS A 123 0.53 -6.56 -15.78
C CYS A 123 -0.22 -5.71 -16.82
N ILE A 124 -1.50 -5.48 -16.58
CA ILE A 124 -2.30 -4.65 -17.47
C ILE A 124 -2.53 -3.35 -16.76
N ILE A 125 -2.07 -2.25 -17.35
CA ILE A 125 -2.14 -0.96 -16.67
C ILE A 125 -3.28 -0.04 -17.13
N GLY A 126 -4.03 -0.45 -18.15
CA GLY A 126 -5.12 0.36 -18.60
C GLY A 126 -5.79 -0.18 -19.82
N GLU A 127 -6.80 0.57 -20.26
CA GLU A 127 -7.54 0.18 -21.44
C GLU A 127 -8.03 1.41 -22.14
N ALA A 128 -7.90 1.40 -23.47
CA ALA A 128 -8.40 2.47 -24.33
C ALA A 128 -8.60 1.91 -25.75
N ASN A 129 -9.57 2.49 -26.45
CA ASN A 129 -9.96 1.98 -27.78
C ASN A 129 -10.22 0.46 -27.75
N HIS A 130 -10.80 -0.06 -26.66
CA HIS A 130 -11.12 -1.50 -26.49
C HIS A 130 -9.88 -2.40 -26.59
N HIS A 131 -8.76 -1.91 -26.15
CA HIS A 131 -7.53 -2.66 -26.19
C HIS A 131 -6.85 -2.50 -24.81
N GLU A 132 -6.69 -3.62 -24.11
CA GLU A 132 -5.88 -3.67 -22.87
C GLU A 132 -4.44 -3.28 -23.16
N ILE A 133 -3.84 -2.49 -22.28
CA ILE A 133 -2.47 -2.02 -22.42
C ILE A 133 -1.64 -2.70 -21.32
N SER A 134 -0.76 -3.60 -21.69
CA SER A 134 0.10 -4.22 -20.70
C SER A 134 1.27 -3.30 -20.41
N MET A 135 1.98 -3.59 -19.34
CA MET A 135 3.21 -2.85 -19.02
C MET A 135 4.21 -3.04 -20.19
N VAL A 136 4.32 -4.27 -20.71
CA VAL A 136 5.09 -4.52 -21.94
C VAL A 136 4.73 -3.52 -23.10
N ASP A 137 3.45 -3.38 -23.43
CA ASP A 137 3.00 -2.41 -24.47
C ASP A 137 3.32 -0.96 -24.12
N ALA A 138 3.05 -0.57 -22.88
CA ALA A 138 3.25 0.80 -22.45
C ALA A 138 4.74 1.20 -22.59
N LEU A 139 5.66 0.33 -22.17
CA LEU A 139 7.10 0.63 -22.31
C LEU A 139 7.57 0.71 -23.77
N LYS A 140 7.06 -0.18 -24.61
CA LYS A 140 7.36 -0.09 -26.04
C LYS A 140 6.74 1.15 -26.71
N GLU A 141 5.63 1.67 -26.17
CA GLU A 141 4.99 2.86 -26.75
C GLU A 141 5.65 4.17 -26.33
N PHE A 142 5.85 4.32 -25.01
CA PHE A 142 6.36 5.57 -24.43
C PHE A 142 7.89 5.56 -24.33
N GLY A 143 8.48 4.38 -24.12
CA GLY A 143 9.91 4.24 -24.00
C GLY A 143 10.72 4.97 -25.08
N PRO A 144 10.41 4.74 -26.36
CA PRO A 144 11.16 5.38 -27.44
C PRO A 144 11.08 6.88 -27.51
N ASN A 145 10.04 7.48 -26.96
CA ASN A 145 9.86 8.93 -27.16
C ASN A 145 10.15 9.78 -25.95
N ALA A 146 10.58 9.16 -24.86
CA ALA A 146 10.97 9.88 -23.65
C ALA A 146 12.38 10.42 -23.83
N ALA A 147 12.67 11.53 -23.16
CA ALA A 147 14.03 12.06 -23.07
C ALA A 147 14.90 11.13 -22.20
N ALA A 148 14.34 10.62 -21.12
CA ALA A 148 15.04 9.65 -20.27
C ALA A 148 14.00 8.99 -19.43
N VAL A 149 14.43 7.90 -18.80
CA VAL A 149 13.63 7.02 -17.94
C VAL A 149 14.31 6.93 -16.60
N LEU A 150 13.57 7.22 -15.54
CA LEU A 150 14.03 6.92 -14.20
C LEU A 150 13.36 5.66 -13.70
N ALA A 151 14.15 4.59 -13.53
CA ALA A 151 13.68 3.36 -12.92
C ALA A 151 13.84 3.53 -11.42
N VAL A 152 12.74 3.79 -10.74
CA VAL A 152 12.74 4.07 -9.29
C VAL A 152 12.40 2.78 -8.53
N GLY A 153 13.19 2.43 -7.51
CA GLY A 153 12.95 1.20 -6.74
C GLY A 153 13.68 -0.02 -7.31
N THR A 154 14.03 -0.94 -6.44
CA THR A 154 14.84 -2.13 -6.81
C THR A 154 14.07 -2.99 -7.83
N CYS A 155 12.73 -3.04 -7.76
CA CYS A 155 11.96 -3.73 -8.81
C CYS A 155 12.23 -3.26 -10.21
N ALA A 156 12.05 -1.97 -10.44
CA ALA A 156 12.28 -1.39 -11.74
C ALA A 156 13.76 -1.47 -12.13
N ALA A 157 14.62 -1.26 -11.14
CA ALA A 157 16.05 -1.18 -11.42
C ALA A 157 16.66 -2.55 -11.81
N TYR A 158 16.26 -3.62 -11.06
CA TYR A 158 17.02 -4.87 -11.08
C TYR A 158 16.13 -6.16 -11.12
N GLY A 159 14.81 -5.99 -11.02
CA GLY A 159 13.94 -7.17 -10.94
C GLY A 159 13.30 -7.23 -9.57
N GLY A 160 14.14 -7.08 -8.54
CA GLY A 160 13.70 -7.06 -7.13
C GLY A 160 12.85 -8.28 -6.76
N ILE A 161 11.97 -8.13 -5.80
CA ILE A 161 11.16 -9.29 -5.30
C ILE A 161 10.31 -10.01 -6.40
N PRO A 162 9.65 -9.26 -7.32
CA PRO A 162 8.84 -9.99 -8.33
C PRO A 162 9.64 -10.90 -9.22
N ALA A 163 10.97 -10.65 -9.29
CA ALA A 163 11.88 -11.50 -10.07
C ALA A 163 12.58 -12.62 -9.29
N ALA A 164 12.37 -12.65 -7.97
CA ALA A 164 13.12 -13.57 -7.11
C ALA A 164 12.70 -15.05 -7.29
N GLU A 165 13.48 -15.94 -6.69
CA GLU A 165 13.29 -17.38 -6.78
CA GLU A 165 13.27 -17.38 -6.86
C GLU A 165 11.83 -17.74 -6.48
N GLY A 166 11.24 -18.63 -7.27
CA GLY A 166 9.84 -19.02 -7.07
C GLY A 166 8.82 -18.22 -7.84
N SER A 167 9.24 -17.10 -8.47
CA SER A 167 8.35 -16.26 -9.28
C SER A 167 8.18 -16.88 -10.65
N GLU A 168 7.12 -16.48 -11.35
CA GLU A 168 6.79 -17.17 -12.60
C GLU A 168 6.37 -16.20 -13.70
N THR A 169 6.53 -14.90 -13.48
CA THR A 169 5.92 -13.92 -14.38
C THR A 169 6.87 -13.30 -15.40
N GLY A 170 8.14 -13.70 -15.41
CA GLY A 170 9.15 -13.11 -16.30
C GLY A 170 9.44 -11.66 -15.93
N ALA A 171 9.31 -11.33 -14.64
CA ALA A 171 9.52 -9.94 -14.22
C ALA A 171 10.96 -9.53 -14.58
N THR A 172 11.07 -8.38 -15.23
CA THR A 172 12.32 -7.87 -15.86
C THR A 172 12.56 -6.42 -15.44
N ALA A 173 13.84 -6.11 -15.20
CA ALA A 173 14.31 -4.76 -14.93
C ALA A 173 14.04 -3.89 -16.16
N VAL A 174 13.68 -2.64 -15.91
CA VAL A 174 13.46 -1.66 -16.99
C VAL A 174 14.55 -1.60 -18.07
N SER A 175 15.79 -1.39 -17.65
CA SER A 175 16.89 -1.21 -18.62
C SER A 175 17.10 -2.44 -19.52
N LYS A 176 16.94 -3.64 -18.94
CA LYS A 176 17.07 -4.90 -19.68
C LYS A 176 15.95 -5.07 -20.71
N PHE A 177 14.71 -4.82 -20.26
CA PHE A 177 13.57 -4.86 -21.15
C PHE A 177 13.74 -3.89 -22.35
N LEU A 178 14.12 -2.64 -22.06
CA LEU A 178 14.24 -1.63 -23.13
C LEU A 178 15.32 -2.03 -24.09
N GLY A 179 16.46 -2.46 -23.57
CA GLY A 179 17.53 -3.02 -24.40
C GLY A 179 17.14 -4.24 -25.23
N ASP A 180 16.45 -5.21 -24.61
CA ASP A 180 15.99 -6.41 -25.31
C ASP A 180 15.10 -6.06 -26.50
N ASN A 181 14.42 -4.93 -26.39
CA ASN A 181 13.47 -4.49 -27.41
C ASN A 181 14.04 -3.37 -28.30
N GLY A 182 15.36 -3.19 -28.24
CA GLY A 182 16.06 -2.22 -29.11
C GLY A 182 15.66 -0.77 -28.86
N ILE A 183 15.38 -0.42 -27.61
CA ILE A 183 15.01 0.94 -27.28
C ILE A 183 16.18 1.51 -26.50
N LYS A 184 16.79 2.55 -27.09
CA LYS A 184 18.09 3.04 -26.64
C LYS A 184 18.03 4.25 -25.69
N THR A 185 16.81 4.61 -25.27
CA THR A 185 16.53 5.73 -24.37
C THR A 185 17.35 5.59 -23.08
N PRO A 186 17.95 6.69 -22.60
CA PRO A 186 18.82 6.50 -21.44
C PRO A 186 18.01 6.21 -20.20
N VAL A 187 18.55 5.37 -19.34
CA VAL A 187 17.88 4.97 -18.09
C VAL A 187 18.81 5.28 -16.92
N VAL A 188 18.29 5.91 -15.86
CA VAL A 188 19.00 6.00 -14.58
C VAL A 188 18.27 5.15 -13.55
N ASN A 189 19.03 4.31 -12.84
CA ASN A 189 18.48 3.56 -11.73
C ASN A 189 18.61 4.27 -10.42
N ILE A 190 17.47 4.38 -9.73
CA ILE A 190 17.35 4.84 -8.33
C ILE A 190 16.78 3.73 -7.39
N PRO A 191 17.67 2.81 -6.95
CA PRO A 191 17.09 1.60 -6.37
C PRO A 191 16.86 1.77 -4.88
N GLY A 192 16.46 0.69 -4.22
CA GLY A 192 16.07 0.76 -2.80
C GLY A 192 14.68 0.18 -2.78
N CYS A 193 14.30 -0.39 -1.66
CA CYS A 193 12.98 -1.04 -1.54
C CYS A 193 12.31 -0.67 -0.22
N PRO A 194 11.77 0.56 -0.14
CA PRO A 194 11.78 1.58 -1.19
C PRO A 194 13.09 2.39 -1.14
N PRO A 195 13.34 3.19 -2.18
CA PRO A 195 14.44 4.20 -2.10
C PRO A 195 14.16 5.23 -1.01
N HIS A 196 15.21 5.86 -0.46
CA HIS A 196 15.00 7.06 0.32
C HIS A 196 14.45 8.17 -0.60
N PRO A 197 13.45 8.95 -0.14
CA PRO A 197 12.95 9.99 -1.00
C PRO A 197 14.06 10.95 -1.50
N ASP A 198 15.11 11.12 -0.72
CA ASP A 198 16.17 12.11 -1.09
C ASP A 198 17.00 11.54 -2.24
N TRP A 199 16.99 10.22 -2.40
CA TRP A 199 17.71 9.64 -3.53
C TRP A 199 16.96 9.98 -4.85
N ILE A 200 15.62 9.98 -4.79
CA ILE A 200 14.75 10.31 -5.94
C ILE A 200 14.81 11.81 -6.24
N VAL A 201 14.47 12.65 -5.25
CA VAL A 201 14.54 14.12 -5.46
C VAL A 201 15.99 14.55 -5.74
N GLY A 202 16.94 13.96 -5.03
CA GLY A 202 18.36 14.22 -5.26
C GLY A 202 18.79 14.00 -6.70
N THR A 203 18.34 12.90 -7.32
CA THR A 203 18.74 12.61 -8.70
C THR A 203 18.09 13.58 -9.70
N VAL A 204 16.86 14.01 -9.42
CA VAL A 204 16.17 14.99 -10.26
C VAL A 204 16.99 16.27 -10.20
N VAL A 205 17.38 16.68 -9.00
CA VAL A 205 18.11 17.94 -8.85
C VAL A 205 19.44 17.85 -9.58
N LEU A 206 20.19 16.77 -9.39
CA LEU A 206 21.50 16.73 -10.04
C LEU A 206 21.30 16.67 -11.56
N ALA A 207 20.27 15.94 -12.02
CA ALA A 207 19.88 15.99 -13.45
C ALA A 207 19.46 17.38 -13.94
N LEU A 208 18.68 18.11 -13.13
CA LEU A 208 18.25 19.48 -13.48
C LEU A 208 19.42 20.43 -13.68
N ASP A 209 20.38 20.39 -12.75
CA ASP A 209 21.60 21.20 -12.81
C ASP A 209 22.43 20.86 -14.06
N ALA A 210 22.58 19.57 -14.37
CA ALA A 210 23.37 19.15 -15.54
C ALA A 210 22.79 19.69 -16.85
N ILE A 211 21.47 19.82 -16.91
CA ILE A 211 20.75 20.24 -18.11
C ILE A 211 20.73 21.74 -18.23
N LYS A 212 20.58 22.41 -17.10
CA LYS A 212 20.71 23.85 -17.09
C LYS A 212 22.12 24.31 -17.54
N LYS A 213 23.15 23.54 -17.19
CA LYS A 213 24.51 23.94 -17.57
C LYS A 213 24.88 23.64 -19.04
N ASN A 214 24.25 22.63 -19.64
CA ASN A 214 24.71 22.03 -20.90
C ASN A 214 23.66 21.61 -21.93
N GLY A 215 22.39 21.86 -21.64
CA GLY A 215 21.31 21.39 -22.52
C GLY A 215 20.87 19.96 -22.21
N LEU A 216 19.88 19.47 -22.96
CA LEU A 216 19.36 18.11 -22.76
C LEU A 216 20.49 17.09 -23.01
N GLU A 217 21.27 17.34 -24.06
CA GLU A 217 22.29 16.40 -24.51
C GLU A 217 23.54 16.41 -23.65
N GLY A 218 24.16 17.58 -23.50
CA GLY A 218 25.33 17.75 -22.63
C GLY A 218 24.96 17.34 -21.22
N GLY A 219 23.74 17.75 -20.81
CA GLY A 219 23.21 17.43 -19.49
C GLY A 219 23.22 15.95 -19.18
N LEU A 220 22.64 15.18 -20.07
CA LEU A 220 22.59 13.72 -19.90
C LEU A 220 23.98 13.09 -19.91
N ALA A 221 24.86 13.57 -20.79
CA ALA A 221 26.24 13.08 -20.78
C ALA A 221 26.88 13.23 -19.40
N GLU A 222 26.62 14.35 -18.74
CA GLU A 222 27.28 14.64 -17.46
C GLU A 222 26.76 13.75 -16.36
N VAL A 223 25.47 13.39 -16.43
CA VAL A 223 24.89 12.49 -15.43
C VAL A 223 25.46 11.06 -15.47
N VAL A 224 25.89 10.56 -16.65
CA VAL A 224 26.51 9.21 -16.69
C VAL A 224 27.87 9.27 -15.97
N LYS A 225 28.50 10.43 -16.02
CA LYS A 225 29.78 10.61 -15.35
C LYS A 225 29.69 10.33 -13.85
N VAL A 226 28.47 10.31 -13.30
CA VAL A 226 28.28 10.03 -11.87
C VAL A 226 27.47 8.75 -11.57
N LEU A 227 27.29 7.86 -12.55
CA LEU A 227 26.59 6.57 -12.34
C LEU A 227 27.59 5.42 -12.16
N ASP A 228 27.30 4.50 -11.25
CA ASP A 228 28.17 3.35 -11.10
C ASP A 228 27.85 2.31 -12.17
N SER A 229 28.50 1.16 -12.11
CA SER A 229 28.32 0.13 -13.11
C SER A 229 26.91 -0.49 -13.04
N ASP A 230 26.21 -0.24 -11.93
CA ASP A 230 24.80 -0.58 -11.80
C ASP A 230 23.86 0.55 -12.19
N GLY A 231 24.34 1.57 -12.92
CA GLY A 231 23.48 2.68 -13.40
C GLY A 231 22.88 3.61 -12.35
N ARG A 232 23.40 3.56 -11.13
CA ARG A 232 22.93 4.40 -10.04
C ARG A 232 23.86 5.56 -9.64
N PRO A 233 23.29 6.71 -9.27
CA PRO A 233 24.09 7.90 -8.95
C PRO A 233 25.04 7.70 -7.73
N THR A 234 26.37 7.78 -7.97
CA THR A 234 27.38 7.63 -6.90
C THR A 234 27.26 8.61 -5.70
N PRO A 235 26.59 9.76 -5.89
CA PRO A 235 26.25 10.65 -4.76
C PRO A 235 25.46 9.99 -3.64
N PHE A 236 24.63 9.01 -3.98
CA PHE A 236 23.80 8.35 -2.96
C PHE A 236 24.26 6.92 -2.72
N PHE A 237 24.88 6.32 -3.72
CA PHE A 237 25.20 4.89 -3.67
C PHE A 237 26.70 4.62 -3.88
N GLY A 238 27.49 5.69 -3.79
CA GLY A 238 28.95 5.60 -3.96
C GLY A 238 29.71 5.07 -2.76
N ARG A 239 29.11 5.11 -1.56
CA ARG A 239 29.75 4.70 -0.30
C ARG A 239 29.11 3.48 0.33
N ASN A 240 29.95 2.62 0.88
CA ASN A 240 29.59 1.35 1.52
C ASN A 240 29.07 1.58 2.95
N ILE A 241 27.92 0.98 3.32
CA ILE A 241 27.35 1.21 4.66
C ILE A 241 28.33 0.82 5.79
N HIS A 242 28.89 -0.38 5.65
CA HIS A 242 29.74 -1.00 6.68
C HIS A 242 31.02 -0.21 6.95
N GLU A 243 31.70 0.23 5.89
CA GLU A 243 32.92 1.08 6.02
C GLU A 243 32.62 2.40 6.73
N ASN A 244 31.35 2.81 6.73
CA ASN A 244 30.94 4.05 7.39
C ASN A 244 30.02 3.84 8.56
N CYS A 245 29.92 2.61 9.04
CA CYS A 245 28.96 2.25 10.08
C CYS A 245 29.49 2.64 11.48
N PRO A 246 28.61 3.20 12.33
CA PRO A 246 29.06 3.54 13.69
C PRO A 246 29.46 2.33 14.55
N TYR A 247 29.05 1.12 14.16
CA TYR A 247 29.41 -0.10 14.89
C TYR A 247 30.62 -0.81 14.30
N LEU A 248 31.32 -0.16 13.38
CA LEU A 248 32.50 -0.75 12.71
C LEU A 248 33.54 -1.25 13.74
N ASP A 249 33.83 -0.42 14.75
CA ASP A 249 34.71 -0.79 15.88
C ASP A 249 34.29 -2.10 16.54
N LYS A 250 32.99 -2.28 16.78
CA LYS A 250 32.51 -3.51 17.41
C LYS A 250 32.73 -4.71 16.49
N TYR A 251 32.42 -4.51 15.20
CA TYR A 251 32.71 -5.51 14.18
C TYR A 251 34.20 -5.91 14.22
N ASP A 252 35.10 -4.94 14.21
CA ASP A 252 36.55 -5.23 14.27
C ASP A 252 36.98 -5.89 15.59
N GLU A 253 36.29 -5.54 16.67
CA GLU A 253 36.53 -6.14 17.99
C GLU A 253 36.01 -7.57 18.11
N GLY A 254 35.10 -7.98 17.23
CA GLY A 254 34.40 -9.27 17.35
C GLY A 254 33.24 -9.26 18.37
N VAL A 255 32.76 -8.07 18.75
CA VAL A 255 31.61 -8.01 19.66
C VAL A 255 30.25 -7.89 18.90
N MET A 256 29.50 -8.98 18.96
CA MET A 256 28.30 -9.16 18.16
C MET A 256 27.15 -9.20 19.11
N SER A 257 26.08 -8.46 18.79
CA SER A 257 24.84 -8.58 19.55
C SER A 257 24.26 -9.95 19.29
N ALA A 258 23.81 -10.59 20.36
CA ALA A 258 23.12 -11.88 20.28
C ALA A 258 21.57 -11.73 20.23
N THR A 259 21.09 -10.54 20.56
CA THR A 259 19.65 -10.24 20.46
C THR A 259 19.43 -8.89 19.78
N PHE A 260 18.39 -8.77 18.95
CA PHE A 260 18.12 -7.49 18.27
C PHE A 260 18.16 -6.27 19.21
N THR A 261 17.73 -6.45 20.46
CA THR A 261 17.56 -5.30 21.37
C THR A 261 18.85 -4.79 22.01
N ASP A 262 19.92 -5.57 21.90
CA ASP A 262 21.27 -5.13 22.31
C ASP A 262 21.84 -4.16 21.27
N LYS A 263 21.76 -2.87 21.55
CA LYS A 263 22.15 -1.87 20.56
C LYS A 263 23.64 -1.49 20.62
N VAL A 264 24.37 -2.13 21.54
CA VAL A 264 25.80 -1.91 21.75
C VAL A 264 26.71 -2.63 20.69
N GLY A 265 26.44 -3.89 20.41
CA GLY A 265 27.31 -4.65 19.52
C GLY A 265 26.98 -4.54 18.04
N CYS A 266 27.87 -5.09 17.21
CA CYS A 266 27.63 -5.20 15.80
C CYS A 266 26.48 -6.16 15.47
N ARG A 267 25.76 -5.83 14.39
CA ARG A 267 24.59 -6.58 13.93
C ARG A 267 24.94 -7.71 12.94
N TYR A 268 26.22 -7.88 12.67
CA TYR A 268 26.62 -8.87 11.67
C TYR A 268 26.03 -10.25 11.93
N ASP A 269 26.19 -10.78 13.14
CA ASP A 269 25.67 -12.11 13.45
C ASP A 269 24.13 -12.19 13.36
N LEU A 270 23.44 -11.09 13.58
CA LEU A 270 21.99 -11.05 13.40
C LEU A 270 21.53 -10.95 11.93
N GLY A 271 22.49 -10.86 11.00
CA GLY A 271 22.18 -10.87 9.58
C GLY A 271 22.48 -9.62 8.78
N CYS A 272 23.14 -8.66 9.42
CA CYS A 272 23.43 -7.37 8.76
C CYS A 272 24.15 -7.52 7.45
N LYS A 273 23.57 -6.89 6.42
CA LYS A 273 24.12 -6.95 5.07
C LYS A 273 24.92 -5.69 4.70
N GLY A 274 25.12 -4.80 5.68
CA GLY A 274 25.98 -3.63 5.54
C GLY A 274 27.30 -3.85 4.78
N PRO A 275 28.05 -4.95 5.09
CA PRO A 275 29.29 -5.20 4.36
C PRO A 275 29.17 -5.23 2.83
N MET A 276 28.01 -5.59 2.30
CA MET A 276 27.87 -5.74 0.83
C MET A 276 26.96 -4.71 0.19
N THR A 277 26.66 -3.64 0.91
CA THR A 277 25.63 -2.71 0.46
C THR A 277 26.19 -1.29 0.34
N MET A 278 25.87 -0.64 -0.78
CA MET A 278 26.29 0.74 -1.08
C MET A 278 25.15 1.74 -1.02
N ALA A 279 25.02 2.43 0.09
CA ALA A 279 23.97 3.46 0.28
C ALA A 279 24.38 4.43 1.38
N ASP A 280 23.77 5.61 1.43
CA ASP A 280 24.14 6.62 2.43
C ASP A 280 23.21 6.69 3.66
N CYS A 281 22.43 5.63 3.89
CA CYS A 281 21.53 5.50 5.06
C CYS A 281 22.19 5.80 6.40
N PHE A 282 23.47 5.47 6.49
CA PHE A 282 24.25 5.70 7.72
C PHE A 282 24.36 7.19 8.10
N GLU A 283 24.19 8.07 7.12
CA GLU A 283 24.39 9.50 7.30
C GLU A 283 23.01 10.21 7.30
N ARG A 284 22.24 10.07 6.23
CA ARG A 284 20.94 10.77 6.19
C ARG A 284 19.84 10.10 7.05
N LYS A 285 19.95 8.79 7.26
CA LYS A 285 18.93 8.07 8.05
C LYS A 285 17.55 8.13 7.34
N TRP A 286 16.45 7.77 8.03
CA TRP A 286 15.17 7.63 7.35
C TRP A 286 14.09 8.40 8.07
N ASN A 287 13.05 8.83 7.33
CA ASN A 287 11.84 9.43 7.91
C ASN A 287 12.15 10.61 8.81
N GLY A 288 12.86 11.57 8.22
CA GLY A 288 13.20 12.83 8.87
C GLY A 288 14.26 12.62 9.92
N GLY A 289 15.15 11.67 9.64
CA GLY A 289 16.31 11.41 10.51
C GLY A 289 16.03 10.66 11.80
N VAL A 290 14.84 10.06 11.93
CA VAL A 290 14.44 9.47 13.23
C VAL A 290 15.00 8.09 13.55
N ASN A 291 15.39 7.36 12.50
CA ASN A 291 15.91 6.03 12.65
C ASN A 291 16.57 5.55 11.35
N TRP A 292 17.24 4.39 11.42
CA TRP A 292 17.64 3.70 10.20
C TRP A 292 17.82 2.19 10.44
N CYS A 293 17.85 1.40 9.37
CA CYS A 293 17.74 -0.04 9.50
C CYS A 293 18.78 -0.63 10.43
N VAL A 294 20.03 -0.13 10.38
CA VAL A 294 21.08 -0.73 11.21
C VAL A 294 20.92 -0.40 12.70
N GLN A 295 20.49 0.81 13.03
CA GLN A 295 20.22 1.11 14.42
C GLN A 295 19.06 0.23 14.92
N ASN A 296 18.00 0.21 14.13
CA ASN A 296 16.74 -0.42 14.54
C ASN A 296 16.79 -1.94 14.58
N ALA A 297 17.42 -2.53 13.58
CA ALA A 297 17.43 -3.98 13.40
C ALA A 297 18.69 -4.43 12.60
N VAL A 298 18.55 -4.69 11.30
CA VAL A 298 19.68 -5.03 10.42
C VAL A 298 19.47 -4.40 9.05
N CYS A 299 20.57 -4.20 8.31
CA CYS A 299 20.48 -3.84 6.89
C CYS A 299 20.18 -5.10 6.10
N ILE A 300 19.24 -5.04 5.16
CA ILE A 300 18.91 -6.19 4.32
C ILE A 300 19.42 -6.00 2.88
N GLY A 301 20.24 -4.97 2.64
CA GLY A 301 20.82 -4.73 1.32
C GLY A 301 19.81 -4.37 0.23
N CYS A 302 18.79 -3.59 0.58
CA CYS A 302 17.64 -3.38 -0.30
C CYS A 302 17.95 -2.67 -1.60
N VAL A 303 19.10 -1.99 -1.67
CA VAL A 303 19.47 -1.24 -2.86
C VAL A 303 20.31 -2.07 -3.82
N GLU A 304 20.62 -3.30 -3.47
CA GLU A 304 21.61 -4.04 -4.26
C GLU A 304 20.96 -4.89 -5.36
N PRO A 305 21.65 -5.07 -6.52
CA PRO A 305 21.04 -5.80 -7.63
C PRO A 305 20.66 -7.23 -7.32
N ASP A 306 21.30 -7.83 -6.33
CA ASP A 306 20.92 -9.18 -5.94
C ASP A 306 19.78 -9.27 -4.85
N PHE A 307 19.14 -8.14 -4.54
CA PHE A 307 18.08 -8.14 -3.54
C PHE A 307 16.79 -8.70 -4.17
N PRO A 308 16.13 -9.69 -3.52
CA PRO A 308 16.40 -10.17 -2.17
C PRO A 308 17.24 -11.44 -2.06
N ASP A 309 17.37 -12.21 -3.16
CA ASP A 309 17.92 -13.56 -3.08
C ASP A 309 19.35 -13.62 -2.56
N GLY A 310 20.18 -12.67 -2.99
CA GLY A 310 21.59 -12.65 -2.67
C GLY A 310 21.77 -12.08 -1.27
N LYS A 311 20.69 -11.62 -0.67
CA LYS A 311 20.77 -11.04 0.66
C LYS A 311 20.07 -11.91 1.70
N SER A 312 19.59 -13.08 1.26
CA SER A 312 18.80 -13.95 2.08
C SER A 312 19.61 -15.18 2.45
N PRO A 313 19.33 -15.82 3.62
CA PRO A 313 18.39 -15.40 4.69
C PRO A 313 18.77 -14.05 5.29
N PHE A 314 17.77 -13.27 5.66
CA PHE A 314 18.03 -11.93 6.19
C PHE A 314 18.54 -11.97 7.60
N TYR A 315 18.25 -13.03 8.36
CA TYR A 315 18.55 -13.00 9.79
C TYR A 315 19.62 -13.98 10.26
N GLN A 316 20.46 -14.39 9.31
CA GLN A 316 21.69 -15.15 9.57
C GLN A 316 22.81 -14.47 8.84
N ALA A 317 24.03 -14.58 9.38
CA ALA A 317 25.22 -14.12 8.66
C ALA A 317 25.37 -14.76 7.26
N GLY B 15 -30.29 1.74 -24.67
CA GLY B 15 -30.77 0.77 -23.66
C GLY B 15 -29.72 0.51 -22.60
N ARG B 16 -28.80 -0.42 -22.88
CA ARG B 16 -27.76 -0.80 -21.96
C ARG B 16 -26.46 -0.28 -22.48
N THR B 17 -25.69 0.40 -21.64
CA THR B 17 -24.36 0.92 -21.98
C THR B 17 -23.37 0.23 -21.08
N THR B 18 -22.32 -0.32 -21.68
CA THR B 18 -21.17 -0.82 -20.94
C THR B 18 -20.11 0.31 -20.81
N ILE B 19 -19.57 0.48 -19.61
CA ILE B 19 -18.50 1.45 -19.34
C ILE B 19 -17.39 0.72 -18.61
N ALA B 20 -16.21 0.79 -19.19
CA ALA B 20 -14.99 0.21 -18.67
C ALA B 20 -14.08 1.35 -18.30
N ILE B 21 -13.57 1.32 -17.07
CA ILE B 21 -12.64 2.27 -16.54
C ILE B 21 -11.43 1.47 -16.11
N ASP B 22 -10.35 1.68 -16.85
CA ASP B 22 -9.03 1.08 -16.59
C ASP B 22 -7.94 2.08 -17.04
N PRO B 23 -7.14 2.62 -16.10
CA PRO B 23 -7.05 2.39 -14.67
C PRO B 23 -8.09 3.16 -13.89
N VAL B 24 -8.69 2.52 -12.89
CA VAL B 24 -9.35 3.30 -11.86
C VAL B 24 -8.18 3.95 -11.06
N THR B 25 -8.25 5.25 -10.95
CA THR B 25 -7.16 6.03 -10.34
C THR B 25 -7.53 6.41 -8.92
N ARG B 26 -6.54 6.91 -8.20
CA ARG B 26 -6.74 7.36 -6.86
C ARG B 26 -7.20 6.24 -5.98
N ILE B 27 -6.63 5.06 -6.25
CA ILE B 27 -6.70 3.89 -5.41
C ILE B 27 -5.28 3.39 -5.46
N GLU B 28 -4.93 2.37 -4.70
CA GLU B 28 -3.60 1.77 -4.87
C GLU B 28 -3.73 0.63 -5.90
N GLY B 29 -2.78 0.53 -6.82
CA GLY B 29 -2.69 -0.65 -7.67
C GLY B 29 -3.51 -0.67 -8.94
N HIS B 30 -3.58 -1.83 -9.59
CA HIS B 30 -4.15 -1.94 -10.93
C HIS B 30 -5.54 -2.55 -10.87
N LEU B 31 -6.56 -1.71 -11.15
CA LEU B 31 -7.96 -2.14 -11.16
C LEU B 31 -8.70 -1.70 -12.41
N LYS B 32 -9.46 -2.61 -13.01
CA LYS B 32 -10.41 -2.22 -14.03
C LYS B 32 -11.81 -2.47 -13.49
N ALA B 33 -12.70 -1.52 -13.71
CA ALA B 33 -14.10 -1.69 -13.40
C ALA B 33 -14.85 -1.68 -14.71
N GLU B 34 -15.78 -2.62 -14.87
CA GLU B 34 -16.64 -2.58 -16.03
C GLU B 34 -18.06 -2.72 -15.51
N VAL B 35 -18.89 -1.75 -15.86
CA VAL B 35 -20.29 -1.73 -15.45
C VAL B 35 -21.21 -1.61 -16.63
N VAL B 36 -22.42 -2.17 -16.47
CA VAL B 36 -23.51 -1.93 -17.39
C VAL B 36 -24.51 -0.97 -16.73
N VAL B 37 -24.86 0.05 -17.50
CA VAL B 37 -25.76 1.10 -17.07
C VAL B 37 -27.06 1.04 -17.88
N GLU B 38 -28.20 0.92 -17.17
CA GLU B 38 -29.54 0.88 -17.80
C GLU B 38 -30.48 1.81 -17.03
N ASN B 39 -31.20 2.67 -17.75
CA ASN B 39 -32.06 3.71 -17.13
C ASN B 39 -31.37 4.50 -16.01
N GLY B 40 -30.12 4.92 -16.22
CA GLY B 40 -29.47 5.79 -15.24
C GLY B 40 -28.92 5.10 -14.01
N LYS B 41 -28.88 3.77 -14.01
CA LYS B 41 -28.35 3.02 -12.86
C LYS B 41 -27.40 1.90 -13.31
N VAL B 42 -26.42 1.59 -12.47
CA VAL B 42 -25.61 0.40 -12.68
C VAL B 42 -26.46 -0.85 -12.40
N VAL B 43 -26.51 -1.74 -13.38
CA VAL B 43 -27.31 -2.97 -13.28
C VAL B 43 -26.42 -4.23 -13.30
N ASP B 44 -25.13 -4.05 -13.58
CA ASP B 44 -24.17 -5.14 -13.50
C ASP B 44 -22.78 -4.54 -13.32
N ALA B 45 -21.84 -5.33 -12.83
CA ALA B 45 -20.48 -4.87 -12.56
C ALA B 45 -19.53 -6.06 -12.50
N ARG B 46 -18.30 -5.82 -12.95
CA ARG B 46 -17.18 -6.76 -12.90
C ARG B 46 -15.94 -5.94 -12.54
N LEU B 47 -15.18 -6.37 -11.53
CA LEU B 47 -13.91 -5.83 -11.13
C LEU B 47 -12.76 -6.75 -11.50
N SER B 48 -11.72 -6.21 -12.12
CA SER B 48 -10.53 -6.99 -12.50
C SER B 48 -9.29 -6.44 -11.82
N GLY B 49 -8.62 -7.25 -11.00
CA GLY B 49 -7.26 -6.84 -10.54
C GLY B 49 -6.30 -7.20 -11.66
N GLY B 50 -5.60 -6.25 -12.27
CA GLY B 50 -4.87 -6.60 -13.51
C GLY B 50 -3.40 -6.93 -13.37
N MET B 51 -2.87 -6.98 -12.13
CA MET B 51 -1.43 -7.20 -12.00
C MET B 51 -1.14 -8.27 -10.96
N TYR B 52 -0.27 -9.20 -11.31
CA TYR B 52 0.04 -10.35 -10.44
C TYR B 52 1.55 -10.49 -10.26
N ARG B 53 1.97 -10.78 -9.02
CA ARG B 53 3.36 -11.04 -8.67
C ARG B 53 3.58 -12.44 -8.13
N GLY B 54 2.69 -12.91 -7.25
CA GLY B 54 2.81 -14.29 -6.81
C GLY B 54 3.73 -14.49 -5.63
N PHE B 55 3.52 -13.69 -4.60
CA PHE B 55 4.25 -13.82 -3.33
C PHE B 55 4.14 -15.19 -2.66
N GLU B 56 2.97 -15.82 -2.76
CA GLU B 56 2.78 -17.14 -2.15
C GLU B 56 3.73 -18.20 -2.72
N THR B 57 4.18 -18.03 -3.96
CA THR B 57 5.11 -19.02 -4.52
C THR B 57 6.58 -18.61 -4.40
N ILE B 58 6.78 -17.30 -4.44
CA ILE B 58 8.08 -16.71 -4.24
C ILE B 58 8.55 -17.02 -2.81
N LEU B 59 7.63 -16.99 -1.84
CA LEU B 59 8.01 -17.36 -0.44
C LEU B 59 8.42 -18.82 -0.18
N ARG B 60 8.04 -19.75 -1.05
CA ARG B 60 8.37 -21.19 -0.89
C ARG B 60 9.87 -21.43 -0.80
N GLY B 61 10.29 -22.24 0.18
CA GLY B 61 11.74 -22.63 0.34
C GLY B 61 12.67 -21.65 1.08
N ARG B 62 12.15 -20.52 1.54
CA ARG B 62 12.98 -19.55 2.28
C ARG B 62 12.94 -19.89 3.77
N ASP B 63 13.92 -19.35 4.48
CA ASP B 63 13.96 -19.31 5.94
C ASP B 63 12.64 -18.63 6.33
N PRO B 64 11.87 -19.26 7.24
CA PRO B 64 10.59 -18.58 7.55
C PRO B 64 10.72 -17.16 8.12
N ARG B 65 11.83 -16.82 8.79
CA ARG B 65 11.99 -15.44 9.31
C ARG B 65 12.04 -14.40 8.21
N ASP B 66 12.40 -14.80 6.99
CA ASP B 66 12.49 -13.81 5.90
C ASP B 66 11.10 -13.27 5.52
N ALA B 67 10.08 -14.08 5.81
CA ALA B 67 8.71 -13.73 5.42
C ALA B 67 8.30 -12.35 5.93
N SER B 68 8.67 -12.02 7.17
CA SER B 68 8.21 -10.74 7.73
C SER B 68 8.81 -9.53 7.05
N GLN B 69 9.81 -9.76 6.20
CA GLN B 69 10.33 -8.72 5.29
C GLN B 69 9.72 -8.81 3.88
N ILE B 70 9.92 -9.92 3.19
CA ILE B 70 9.23 -10.18 1.89
C ILE B 70 7.75 -9.74 1.80
N VAL B 71 6.89 -10.18 2.73
CA VAL B 71 5.43 -9.92 2.63
C VAL B 71 5.11 -8.44 2.64
N GLN B 72 5.98 -7.62 3.24
CA GLN B 72 5.70 -6.15 3.23
C GLN B 72 5.65 -5.55 1.82
N ARG B 73 6.44 -6.08 0.90
CA ARG B 73 6.47 -5.57 -0.48
C ARG B 73 5.21 -5.99 -1.25
N ILE B 74 4.28 -6.67 -0.57
CA ILE B 74 2.96 -6.88 -1.18
C ILE B 74 2.29 -5.50 -1.43
N OCS B 75 2.55 -4.57 -0.53
CA OCS B 75 1.76 -3.33 -0.50
CB OCS B 75 0.36 -3.51 0.14
SG OCS B 75 -0.70 -2.27 -0.37
C OCS B 75 2.52 -2.29 0.31
O OCS B 75 2.65 -2.39 1.54
OD1 OCS B 75 -0.05 -1.05 -0.26
OD2 OCS B 75 -0.95 -2.53 -1.75
N GLY B 76 2.95 -1.22 -0.36
CA GLY B 76 3.73 -0.16 0.31
C GLY B 76 2.89 0.87 1.04
N VAL B 77 1.56 0.77 0.92
CA VAL B 77 0.67 1.67 1.70
C VAL B 77 0.33 1.06 3.08
N CYS B 78 0.10 -0.27 3.11
CA CYS B 78 -0.18 -1.04 4.33
C CYS B 78 0.89 -2.09 4.69
N PRO B 79 2.18 -1.75 4.55
CA PRO B 79 3.13 -2.85 4.87
C PRO B 79 3.15 -3.31 6.34
N THR B 80 2.83 -2.42 7.26
CA THR B 80 2.84 -2.84 8.64
C THR B 80 1.74 -3.88 8.97
N ALA B 81 0.65 -3.88 8.21
CA ALA B 81 -0.42 -4.90 8.41
C ALA B 81 0.13 -6.27 8.04
N HIS B 82 0.81 -6.36 6.88
CA HIS B 82 1.47 -7.61 6.47
C HIS B 82 2.57 -8.06 7.39
N SER B 83 3.45 -7.15 7.77
CA SER B 83 4.44 -7.41 8.81
C SER B 83 3.78 -8.03 10.07
N THR B 84 2.74 -7.38 10.59
CA THR B 84 2.04 -7.85 11.79
C THR B 84 1.44 -9.25 11.63
N ALA B 85 0.66 -9.45 10.58
CA ALA B 85 0.06 -10.76 10.31
C ALA B 85 1.10 -11.89 10.21
N SER B 86 2.20 -11.58 9.54
CA SER B 86 3.35 -12.49 9.35
C SER B 86 4.02 -12.85 10.67
N VAL B 87 4.35 -11.85 11.50
CA VAL B 87 5.06 -12.18 12.76
C VAL B 87 4.15 -12.93 13.73
N LEU B 88 2.86 -12.67 13.64
CA LEU B 88 1.89 -13.36 14.49
C LEU B 88 1.79 -14.80 14.08
N ALA B 89 1.77 -15.04 12.77
CA ALA B 89 1.87 -16.40 12.23
C ALA B 89 3.18 -17.07 12.64
N LEU B 90 4.31 -16.33 12.60
CA LEU B 90 5.58 -16.92 12.93
C LEU B 90 5.71 -17.18 14.43
N ASP B 91 5.20 -16.25 15.25
CA ASP B 91 5.18 -16.42 16.72
C ASP B 91 4.52 -17.77 17.08
N GLU B 92 3.38 -18.05 16.45
CA GLU B 92 2.64 -19.27 16.69
C GLU B 92 3.47 -20.44 16.23
N ALA B 93 3.96 -20.40 14.99
CA ALA B 93 4.71 -21.51 14.47
C ALA B 93 6.02 -21.77 15.25
N PHE B 94 6.62 -20.71 15.77
CA PHE B 94 7.91 -20.86 16.45
C PHE B 94 7.75 -21.15 17.94
N GLY B 95 6.52 -21.12 18.45
CA GLY B 95 6.26 -21.17 19.91
C GLY B 95 6.87 -19.96 20.63
N ALA B 96 6.96 -18.79 19.98
CA ALA B 96 7.67 -17.64 20.59
C ALA B 96 6.75 -16.81 21.52
N LYS B 97 7.23 -16.49 22.72
CA LYS B 97 6.40 -15.67 23.62
C LYS B 97 6.89 -14.22 23.60
N VAL B 98 6.20 -13.39 22.82
CA VAL B 98 6.48 -11.97 22.69
C VAL B 98 6.37 -11.30 24.08
N PRO B 99 7.47 -10.71 24.58
CA PRO B 99 7.37 -9.97 25.85
C PRO B 99 6.22 -8.95 25.86
N ASN B 100 5.62 -8.73 27.03
CA ASN B 100 4.55 -7.75 27.16
C ASN B 100 4.92 -6.43 26.49
N ASN B 101 6.11 -5.91 26.78
CA ASN B 101 6.50 -4.60 26.24
C ASN B 101 6.66 -4.61 24.71
N GLY B 102 6.99 -5.77 24.15
CA GLY B 102 7.08 -5.97 22.71
C GLY B 102 5.73 -5.95 22.01
N ARG B 103 4.74 -6.56 22.65
CA ARG B 103 3.37 -6.49 22.15
C ARG B 103 2.92 -5.03 22.08
N ILE B 104 3.16 -4.26 23.13
CA ILE B 104 2.74 -2.86 23.14
C ILE B 104 3.51 -2.04 22.07
N THR B 105 4.82 -2.30 21.90
CA THR B 105 5.65 -1.58 20.91
C THR B 105 5.13 -1.84 19.51
N ARG B 106 4.79 -3.10 19.25
CA ARG B 106 4.24 -3.46 17.93
C ARG B 106 3.00 -2.64 17.68
N ASN B 107 2.12 -2.52 18.68
CA ASN B 107 0.86 -1.76 18.49
C ASN B 107 1.11 -0.30 18.13
N LEU B 108 2.15 0.28 18.76
CA LEU B 108 2.60 1.64 18.48
C LEU B 108 3.13 1.84 17.05
N ILE B 109 3.89 0.87 16.56
CA ILE B 109 4.37 0.89 15.19
C ILE B 109 3.21 0.82 14.19
N PHE B 110 2.33 -0.17 14.37
CA PHE B 110 1.22 -0.45 13.48
C PHE B 110 0.07 0.60 13.62
N GLY B 111 -0.25 1.00 14.85
CA GLY B 111 -1.31 1.98 15.07
C GLY B 111 -1.05 3.32 14.38
N ALA B 112 0.21 3.72 14.37
CA ALA B 112 0.64 4.92 13.66
C ALA B 112 0.35 4.85 12.16
N ASN B 113 0.49 3.66 11.54
CA ASN B 113 0.13 3.60 10.13
C ASN B 113 -1.38 3.57 9.85
N TYR B 114 -2.22 3.10 10.79
CA TYR B 114 -3.68 3.32 10.64
C TYR B 114 -3.97 4.81 10.42
N LEU B 115 -3.29 5.65 11.21
CA LEU B 115 -3.52 7.09 11.12
C LEU B 115 -3.04 7.60 9.75
N GLN B 116 -1.82 7.21 9.34
CA GLN B 116 -1.33 7.60 8.02
C GLN B 116 -2.25 7.14 6.90
N SER B 117 -2.71 5.89 7.00
CA SER B 117 -3.42 5.25 5.89
C SER B 117 -4.82 5.88 5.72
N HIS B 118 -5.50 6.20 6.82
CA HIS B 118 -6.84 6.77 6.68
C HIS B 118 -6.77 8.23 6.20
N ILE B 119 -5.76 8.94 6.70
CA ILE B 119 -5.51 10.30 6.28
C ILE B 119 -5.15 10.34 4.79
N LEU B 120 -4.21 9.49 4.37
CA LEU B 120 -3.88 9.35 2.96
C LEU B 120 -5.11 9.10 2.11
N HIS B 121 -5.93 8.17 2.56
CA HIS B 121 -7.07 7.78 1.77
C HIS B 121 -8.06 8.92 1.63
N PHE B 122 -8.45 9.58 2.72
CA PHE B 122 -9.49 10.56 2.55
C PHE B 122 -9.03 11.76 1.71
N TYR B 123 -7.90 12.32 2.07
CA TYR B 123 -7.43 13.51 1.39
C TYR B 123 -6.78 13.25 0.05
N HIS B 124 -5.77 12.41 0.03
CA HIS B 124 -4.94 12.27 -1.16
C HIS B 124 -5.51 11.30 -2.22
N LEU B 125 -6.28 10.29 -1.80
CA LEU B 125 -7.03 9.47 -2.78
C LEU B 125 -8.43 10.01 -3.02
N SER B 126 -9.20 10.21 -1.97
CA SER B 126 -10.64 10.43 -2.13
C SER B 126 -11.06 11.85 -2.36
N ALA B 127 -10.38 12.84 -1.74
CA ALA B 127 -10.96 14.18 -1.68
C ALA B 127 -11.22 14.84 -3.06
N GLN B 128 -10.41 14.53 -4.06
CA GLN B 128 -10.70 15.03 -5.41
C GLN B 128 -12.03 14.59 -6.03
N ASP B 129 -12.68 13.57 -5.46
CA ASP B 129 -14.04 13.21 -5.85
C ASP B 129 -15.09 14.29 -5.51
N PHE B 130 -14.77 15.15 -4.54
CA PHE B 130 -15.71 16.17 -4.04
C PHE B 130 -15.08 17.57 -4.11
N VAL B 131 -13.75 17.63 -4.09
CA VAL B 131 -13.02 18.91 -4.07
C VAL B 131 -12.30 19.15 -5.40
N GLN B 132 -12.51 20.34 -5.98
CA GLN B 132 -11.85 20.76 -7.23
C GLN B 132 -10.43 21.28 -6.93
N GLY B 133 -9.40 20.65 -7.51
CA GLY B 133 -8.03 21.09 -7.33
C GLY B 133 -7.72 22.26 -8.25
N PRO B 134 -6.54 22.88 -8.09
CA PRO B 134 -6.28 24.03 -8.96
C PRO B 134 -5.85 23.65 -10.38
N ASP B 135 -5.81 24.62 -11.29
CA ASP B 135 -5.44 24.42 -12.70
C ASP B 135 -3.94 24.07 -12.92
N THR B 136 -3.51 22.97 -12.33
CA THR B 136 -2.16 22.43 -12.51
C THR B 136 -2.22 20.91 -12.48
N ALA B 137 -1.41 20.23 -13.30
CA ALA B 137 -1.33 18.76 -13.22
C ALA B 137 -0.76 18.41 -11.86
N PRO B 138 -1.22 17.29 -11.26
CA PRO B 138 -2.15 16.28 -11.78
C PRO B 138 -3.62 16.48 -11.37
N PHE B 139 -4.01 17.73 -11.15
CA PHE B 139 -5.37 18.05 -10.67
C PHE B 139 -6.31 18.35 -11.84
N VAL B 140 -5.70 18.50 -13.01
CA VAL B 140 -6.44 18.74 -14.25
C VAL B 140 -5.70 17.95 -15.32
N PRO B 141 -6.36 17.65 -16.43
CA PRO B 141 -7.80 17.77 -16.70
C PRO B 141 -8.59 16.65 -16.00
N ARG B 142 -9.91 16.79 -16.00
CA ARG B 142 -10.84 15.82 -15.36
C ARG B 142 -12.21 15.85 -16.05
N PHE B 143 -13.21 15.13 -15.55
CA PHE B 143 -14.51 15.13 -16.23
C PHE B 143 -15.09 16.55 -16.35
N PRO B 144 -15.63 16.91 -17.52
CA PRO B 144 -16.18 18.27 -17.67
C PRO B 144 -17.34 18.47 -16.68
N LYS B 145 -18.09 17.40 -16.41
CA LYS B 145 -19.15 17.49 -15.41
C LYS B 145 -18.81 16.60 -14.22
N SER B 146 -17.94 17.13 -13.37
CA SER B 146 -17.39 16.38 -12.25
C SER B 146 -18.25 16.35 -10.99
N ASP B 147 -19.38 17.05 -11.03
CA ASP B 147 -20.34 17.09 -9.92
C ASP B 147 -19.64 17.48 -8.62
N LEU B 148 -18.98 18.62 -8.67
CA LEU B 148 -18.27 19.17 -7.50
C LEU B 148 -19.06 20.32 -6.90
N ARG B 149 -19.68 20.05 -5.74
CA ARG B 149 -20.82 20.87 -5.27
C ARG B 149 -20.51 21.79 -4.13
N LEU B 150 -19.25 21.83 -3.68
CA LEU B 150 -18.90 22.59 -2.48
C LEU B 150 -18.80 24.10 -2.73
N SER B 151 -19.16 24.90 -1.74
CA SER B 151 -19.01 26.37 -1.83
C SER B 151 -17.55 26.70 -2.09
N LYS B 152 -17.27 27.93 -2.53
CA LYS B 152 -15.86 28.37 -2.66
C LYS B 152 -15.07 28.17 -1.37
N GLU B 153 -15.71 28.47 -0.25
CA GLU B 153 -15.09 28.42 1.08
C GLU B 153 -14.78 26.99 1.54
N LEU B 154 -15.76 26.09 1.38
CA LEU B 154 -15.59 24.68 1.78
C LEU B 154 -14.67 23.95 0.81
N ASN B 155 -14.72 24.32 -0.48
CA ASN B 155 -13.71 23.81 -1.44
C ASN B 155 -12.30 24.22 -1.09
N LYS B 156 -12.13 25.47 -0.67
CA LYS B 156 -10.82 26.00 -0.26
C LYS B 156 -10.33 25.34 1.02
N ALA B 157 -11.23 25.07 1.95
CA ALA B 157 -10.86 24.28 3.15
C ALA B 157 -10.38 22.87 2.77
N GLY B 158 -11.06 22.26 1.79
CA GLY B 158 -10.69 20.99 1.24
C GLY B 158 -9.28 20.98 0.71
N VAL B 159 -8.92 22.00 -0.10
CA VAL B 159 -7.58 22.19 -0.66
C VAL B 159 -6.53 22.47 0.42
N ASP B 160 -6.86 23.39 1.32
CA ASP B 160 -5.99 23.72 2.44
C ASP B 160 -5.63 22.50 3.29
N GLN B 161 -6.62 21.65 3.53
CA GLN B 161 -6.43 20.50 4.38
C GLN B 161 -5.70 19.36 3.65
N TYR B 162 -5.89 19.26 2.34
CA TYR B 162 -5.18 18.24 1.56
C TYR B 162 -3.66 18.53 1.66
N ILE B 163 -3.33 19.79 1.59
CA ILE B 163 -1.96 20.23 1.73
C ILE B 163 -1.42 19.99 3.15
N GLU B 164 -2.15 20.47 4.17
CA GLU B 164 -1.78 20.19 5.56
C GLU B 164 -1.64 18.67 5.77
N ALA B 165 -2.53 17.88 5.18
CA ALA B 165 -2.55 16.44 5.38
C ALA B 165 -1.26 15.79 4.87
N LEU B 166 -0.63 16.45 3.90
CA LEU B 166 0.64 15.95 3.34
C LEU B 166 1.71 15.99 4.43
N GLU B 167 1.67 17.00 5.29
CA GLU B 167 2.59 17.10 6.42
C GLU B 167 2.18 16.05 7.46
N VAL B 168 0.89 15.97 7.77
CA VAL B 168 0.41 15.07 8.82
C VAL B 168 0.69 13.61 8.54
N ARG B 169 0.41 13.17 7.33
CA ARG B 169 0.69 11.78 7.00
C ARG B 169 2.17 11.46 7.03
N ARG B 170 3.02 12.43 6.69
CA ARG B 170 4.47 12.23 6.75
C ARG B 170 4.94 12.08 8.20
N ILE B 171 4.29 12.82 9.09
CA ILE B 171 4.55 12.76 10.53
C ILE B 171 4.14 11.41 11.14
N CYS B 172 2.97 10.90 10.72
CA CYS B 172 2.60 9.52 10.98
C CYS B 172 3.72 8.53 10.64
N HIS B 173 4.31 8.67 9.45
CA HIS B 173 5.40 7.76 9.08
C HIS B 173 6.66 7.96 9.89
N GLU B 174 6.86 9.18 10.37
CA GLU B 174 7.92 9.43 11.34
C GLU B 174 7.68 8.66 12.63
N MET B 175 6.43 8.65 13.10
CA MET B 175 6.03 7.89 14.28
C MET B 175 6.22 6.40 14.09
N VAL B 176 5.84 5.89 12.91
CA VAL B 176 6.09 4.49 12.55
C VAL B 176 7.58 4.12 12.66
N ALA B 177 8.44 4.95 12.04
CA ALA B 177 9.90 4.77 11.97
C ALA B 177 10.61 4.84 13.30
N LEU B 178 10.05 5.57 14.27
CA LEU B 178 10.71 5.66 15.56
C LEU B 178 11.05 4.30 16.22
N PHE B 179 10.11 3.34 16.22
CA PHE B 179 10.44 2.03 16.74
C PHE B 179 10.48 1.04 15.62
N GLY B 180 10.11 1.53 14.45
CA GLY B 180 9.99 0.70 13.24
C GLY B 180 11.20 0.66 12.30
N GLY B 181 12.10 1.65 12.42
CA GLY B 181 13.30 1.67 11.65
C GLY B 181 13.23 2.57 10.42
N ARG B 182 12.20 2.37 9.60
CA ARG B 182 11.89 3.20 8.43
C ARG B 182 10.51 2.85 7.95
N MET B 183 9.97 3.63 7.03
CA MET B 183 8.64 3.33 6.47
C MET B 183 8.55 4.04 5.13
N PRO B 184 8.02 3.38 4.07
CA PRO B 184 7.56 1.98 3.94
C PRO B 184 8.56 0.90 4.33
N HIS B 185 8.03 -0.23 4.78
CA HIS B 185 8.76 -1.50 5.03
C HIS B 185 9.63 -1.45 6.26
N VAL B 186 8.93 -1.63 7.39
CA VAL B 186 9.55 -1.56 8.72
C VAL B 186 10.59 -2.68 8.86
N GLN B 187 11.68 -2.37 9.58
CA GLN B 187 12.65 -3.38 9.98
C GLN B 187 12.34 -3.88 11.40
N GLY B 188 11.48 -3.16 12.11
CA GLY B 188 11.38 -3.32 13.57
C GLY B 188 10.51 -4.44 14.13
N GLN B 189 9.77 -5.12 13.27
CA GLN B 189 8.93 -6.26 13.69
C GLN B 189 9.50 -7.55 13.15
N VAL B 190 9.70 -8.51 14.06
CA VAL B 190 10.28 -9.80 13.73
C VAL B 190 9.54 -10.88 14.58
N VAL B 191 9.68 -12.16 14.22
CA VAL B 191 9.25 -13.24 15.11
C VAL B 191 9.86 -12.99 16.50
N GLY B 192 9.02 -13.02 17.53
CA GLY B 192 9.55 -12.84 18.89
C GLY B 192 9.34 -11.45 19.47
N GLY B 193 8.91 -10.49 18.66
CA GLY B 193 8.48 -9.21 19.22
C GLY B 193 8.90 -8.03 18.36
N ALA B 194 9.55 -7.04 18.99
CA ALA B 194 10.02 -5.82 18.33
C ALA B 194 11.51 -5.66 18.56
N THR B 195 12.22 -5.20 17.52
CA THR B 195 13.69 -5.15 17.52
C THR B 195 14.37 -4.06 18.35
N GLU B 196 13.58 -3.10 18.85
CA GLU B 196 14.15 -1.96 19.54
C GLU B 196 13.33 -1.60 20.78
N ILE B 197 13.97 -1.57 21.95
CA ILE B 197 13.33 -1.11 23.19
C ILE B 197 13.07 0.37 23.10
N PRO B 198 11.79 0.79 23.27
CA PRO B 198 11.51 2.21 23.36
C PRO B 198 12.27 2.82 24.52
N THR B 199 12.99 3.90 24.23
CA THR B 199 13.66 4.67 25.30
C THR B 199 12.77 5.88 25.65
N LYS B 200 13.05 6.51 26.78
CA LYS B 200 12.31 7.69 27.27
C LYS B 200 12.33 8.83 26.25
N GLU B 201 13.51 9.05 25.65
CA GLU B 201 13.70 10.09 24.66
C GLU B 201 12.83 9.84 23.44
N LYS B 202 12.86 8.61 22.91
CA LYS B 202 12.11 8.36 21.73
C LYS B 202 10.60 8.31 21.98
N LEU B 203 10.18 7.96 23.19
CA LEU B 203 8.78 8.03 23.56
C LEU B 203 8.31 9.49 23.65
N VAL B 204 9.20 10.40 24.08
CA VAL B 204 8.92 11.83 24.04
C VAL B 204 8.66 12.25 22.59
N GLU B 205 9.54 11.83 21.68
CA GLU B 205 9.41 12.11 20.23
C GLU B 205 8.13 11.57 19.57
N TYR B 206 7.74 10.34 19.91
CA TYR B 206 6.51 9.75 19.37
C TYR B 206 5.29 10.53 19.90
N ALA B 207 5.26 10.76 21.21
CA ALA B 207 4.16 11.50 21.83
C ALA B 207 3.98 12.93 21.26
N ALA B 208 5.09 13.64 21.02
CA ALA B 208 5.05 15.00 20.45
C ALA B 208 4.45 15.02 19.05
N ARG B 209 4.89 14.08 18.21
CA ARG B 209 4.27 13.95 16.89
C ARG B 209 2.82 13.49 17.00
N PHE B 210 2.52 12.56 17.92
CA PHE B 210 1.15 12.03 18.02
C PHE B 210 0.20 13.15 18.34
N LYS B 211 0.68 14.12 19.13
CA LYS B 211 -0.14 15.25 19.55
C LYS B 211 -0.61 16.10 18.35
N LYS B 212 0.31 16.39 17.42
CA LYS B 212 0.01 17.13 16.17
C LYS B 212 -0.93 16.35 15.27
N VAL B 213 -0.75 15.03 15.18
CA VAL B 213 -1.68 14.22 14.40
C VAL B 213 -3.08 14.28 15.03
N ARG B 214 -3.15 13.97 16.34
CA ARG B 214 -4.40 14.05 17.12
C ARG B 214 -5.17 15.33 16.87
N ASP B 215 -4.49 16.48 16.97
CA ASP B 215 -5.06 17.79 16.70
C ASP B 215 -5.71 17.84 15.31
N PHE B 216 -4.99 17.42 14.28
CA PHE B 216 -5.51 17.42 12.92
C PHE B 216 -6.75 16.54 12.74
N VAL B 217 -6.69 15.30 13.21
CA VAL B 217 -7.83 14.37 13.12
C VAL B 217 -9.09 14.94 13.79
N GLU B 218 -8.92 15.55 14.96
CA GLU B 218 -10.05 16.05 15.75
C GLU B 218 -10.62 17.34 15.18
N GLN B 219 -9.73 18.27 14.84
CA GLN B 219 -10.09 19.61 14.42
C GLN B 219 -10.39 19.77 12.91
N LYS B 220 -9.81 18.91 12.07
CA LYS B 220 -9.84 19.10 10.60
C LYS B 220 -10.49 17.94 9.85
N TYR B 221 -9.97 16.74 10.07
CA TYR B 221 -10.37 15.55 9.33
C TYR B 221 -11.80 15.07 9.66
N VAL B 222 -12.10 14.77 10.91
CA VAL B 222 -13.45 14.26 11.21
C VAL B 222 -14.52 15.30 10.84
N PRO B 223 -14.31 16.59 11.18
CA PRO B 223 -15.29 17.60 10.76
C PRO B 223 -15.44 17.77 9.25
N VAL B 224 -14.35 17.63 8.47
CA VAL B 224 -14.53 17.85 7.04
C VAL B 224 -15.33 16.70 6.40
N VAL B 225 -15.19 15.47 6.91
CA VAL B 225 -15.87 14.33 6.28
C VAL B 225 -17.37 14.45 6.50
N TYR B 226 -17.77 14.85 7.70
CA TYR B 226 -19.18 15.14 7.95
C TYR B 226 -19.69 16.31 7.11
N THR B 227 -18.90 17.38 7.03
CA THR B 227 -19.34 18.59 6.35
C THR B 227 -19.47 18.39 4.83
N ILE B 228 -18.43 17.84 4.19
CA ILE B 228 -18.53 17.43 2.78
C ILE B 228 -19.70 16.44 2.62
N GLY B 229 -19.78 15.46 3.51
CA GLY B 229 -20.89 14.50 3.55
C GLY B 229 -22.23 15.19 3.52
N SER B 230 -22.35 16.31 4.24
CA SER B 230 -23.65 17.01 4.37
C SER B 230 -24.08 17.64 3.04
N LYS B 231 -23.12 17.86 2.14
CA LYS B 231 -23.42 18.44 0.82
C LYS B 231 -23.63 17.38 -0.25
N TYR B 232 -23.57 16.11 0.18
CA TYR B 232 -23.72 14.94 -0.67
C TYR B 232 -24.60 13.89 -0.01
N LYS B 233 -25.74 14.30 0.52
CA LYS B 233 -26.60 13.40 1.29
C LYS B 233 -27.16 12.24 0.47
N ASP B 234 -27.39 12.48 -0.82
CA ASP B 234 -27.78 11.41 -1.76
C ASP B 234 -26.84 10.18 -1.73
N MET B 235 -25.57 10.41 -1.39
CA MET B 235 -24.53 9.37 -1.36
C MET B 235 -24.63 8.46 -0.12
N PHE B 236 -25.53 8.79 0.81
CA PHE B 236 -25.85 7.90 1.89
C PHE B 236 -26.95 6.92 1.51
N LYS B 237 -27.46 7.00 0.28
CA LYS B 237 -28.63 6.19 -0.10
C LYS B 237 -28.28 5.09 -1.09
N VAL B 238 -27.03 5.03 -1.49
CA VAL B 238 -26.59 4.08 -2.50
C VAL B 238 -25.32 3.37 -2.07
N GLY B 239 -25.00 2.26 -2.73
CA GLY B 239 -23.76 1.54 -2.47
C GLY B 239 -23.81 0.55 -1.31
N GLN B 240 -25.01 0.06 -0.99
CA GLN B 240 -25.23 -0.88 0.12
C GLN B 240 -24.67 -2.28 -0.10
N GLY B 241 -24.78 -2.77 -1.34
CA GLY B 241 -24.45 -4.18 -1.66
C GLY B 241 -25.09 -5.20 -0.74
N PHE B 242 -24.31 -6.17 -0.27
CA PHE B 242 -24.87 -7.29 0.52
C PHE B 242 -25.21 -6.90 1.94
N LYS B 243 -24.78 -5.70 2.37
CA LYS B 243 -24.89 -5.30 3.79
C LYS B 243 -24.44 -6.45 4.72
N ALA B 244 -23.27 -7.03 4.42
CA ALA B 244 -22.71 -8.09 5.26
C ALA B 244 -21.25 -7.76 5.52
N ALA B 245 -20.81 -7.98 6.76
CA ALA B 245 -19.48 -7.55 7.16
C ALA B 245 -18.70 -8.61 7.94
N LEU B 246 -17.36 -8.52 7.85
CA LEU B 246 -16.38 -9.35 8.56
C LEU B 246 -15.36 -8.52 9.34
N CYS B 247 -15.14 -8.90 10.59
CA CYS B 247 -13.99 -8.48 11.36
C CYS B 247 -13.33 -9.73 11.93
N VAL B 248 -12.01 -9.83 11.87
CA VAL B 248 -11.35 -11.00 12.44
C VAL B 248 -10.63 -10.69 13.75
N GLY B 249 -10.72 -9.47 14.21
CA GLY B 249 -10.05 -9.10 15.45
C GLY B 249 -8.70 -8.51 15.20
N ALA B 250 -8.29 -7.57 16.06
CA ALA B 250 -7.00 -6.95 15.95
C ALA B 250 -6.62 -6.22 17.21
N PHE B 251 -5.31 -6.06 17.38
CA PHE B 251 -4.71 -5.25 18.46
C PHE B 251 -4.91 -5.90 19.80
N PRO B 252 -4.10 -6.97 20.03
CA PRO B 252 -4.22 -7.70 21.28
C PRO B 252 -3.98 -6.68 22.42
N LEU B 253 -4.93 -6.65 23.37
CA LEU B 253 -4.89 -5.76 24.55
C LEU B 253 -4.39 -6.31 25.89
N ASP B 254 -4.10 -7.61 25.94
CA ASP B 254 -3.41 -8.25 27.05
C ASP B 254 -2.53 -9.31 26.39
N ASN B 255 -1.77 -10.07 27.18
CA ASN B 255 -0.85 -11.11 26.66
C ASN B 255 -1.40 -12.51 26.48
N SER B 256 -2.72 -12.65 26.58
CA SER B 256 -3.35 -13.98 26.54
C SER B 256 -4.30 -14.22 25.34
N GLY B 257 -4.28 -13.30 24.37
CA GLY B 257 -5.00 -13.47 23.10
C GLY B 257 -6.51 -13.45 23.17
N LYS B 258 -7.03 -12.99 24.32
CA LYS B 258 -8.47 -12.89 24.57
C LYS B 258 -9.07 -11.60 24.01
N LYS B 259 -8.95 -10.49 24.76
CA LYS B 259 -9.60 -9.23 24.38
C LYS B 259 -8.72 -8.40 23.45
N HIS B 260 -9.40 -7.75 22.51
CA HIS B 260 -8.79 -7.05 21.38
C HIS B 260 -9.45 -5.68 21.23
N LEU B 261 -8.71 -4.71 20.68
CA LEU B 261 -9.32 -3.43 20.36
C LEU B 261 -10.55 -3.58 19.44
N PHE B 262 -10.39 -4.40 18.40
CA PHE B 262 -11.46 -4.76 17.49
C PHE B 262 -11.81 -6.24 17.70
N MET B 263 -13.01 -6.51 18.16
CA MET B 263 -13.39 -7.88 18.51
C MET B 263 -13.93 -8.54 17.25
N PRO B 264 -13.66 -9.85 17.06
CA PRO B 264 -14.07 -10.47 15.79
C PRO B 264 -15.58 -10.73 15.73
N GLY B 265 -16.13 -10.82 14.54
CA GLY B 265 -17.54 -11.14 14.41
C GLY B 265 -17.86 -11.10 12.94
N VAL B 266 -19.01 -11.66 12.58
CA VAL B 266 -19.56 -11.54 11.24
C VAL B 266 -20.97 -10.99 11.38
N TYR B 267 -21.39 -10.17 10.43
CA TYR B 267 -22.76 -9.66 10.40
C TYR B 267 -23.34 -9.99 9.03
N ALA B 268 -24.51 -10.62 8.94
CA ALA B 268 -25.12 -10.85 7.63
C ALA B 268 -26.60 -11.11 7.75
N LYS B 269 -27.38 -10.50 6.86
CA LYS B 269 -28.83 -10.64 6.82
C LYS B 269 -29.40 -10.23 8.18
N GLY B 270 -28.89 -9.14 8.73
CA GLY B 270 -29.41 -8.60 9.99
C GLY B 270 -28.93 -9.27 11.28
N LYS B 271 -28.03 -10.24 11.16
CA LYS B 271 -27.71 -11.13 12.28
C LYS B 271 -26.22 -11.12 12.59
N ASP B 272 -25.88 -11.07 13.87
CA ASP B 272 -24.48 -11.20 14.34
C ASP B 272 -24.13 -12.63 14.66
N MET B 273 -22.97 -13.07 14.19
CA MET B 273 -22.51 -14.41 14.50
C MET B 273 -21.01 -14.40 14.77
N PRO B 274 -20.49 -15.44 15.42
CA PRO B 274 -19.05 -15.51 15.66
C PRO B 274 -18.28 -15.75 14.38
N PHE B 275 -17.02 -15.32 14.34
CA PHE B 275 -16.11 -15.65 13.25
C PHE B 275 -15.34 -16.96 13.45
N ASP B 276 -15.45 -17.89 12.51
CA ASP B 276 -14.77 -19.19 12.58
C ASP B 276 -13.97 -19.31 11.30
N PRO B 277 -12.64 -19.11 11.38
CA PRO B 277 -11.81 -19.06 10.16
C PRO B 277 -11.86 -20.34 9.32
N SER B 278 -12.30 -21.47 9.88
CA SER B 278 -12.46 -22.68 9.06
C SER B 278 -13.55 -22.55 8.01
N LYS B 279 -14.41 -21.52 8.10
CA LYS B 279 -15.51 -21.33 7.12
C LYS B 279 -15.08 -20.62 5.81
N ILE B 280 -13.84 -20.16 5.77
CA ILE B 280 -13.27 -19.44 4.63
C ILE B 280 -12.83 -20.38 3.51
N LYS B 281 -13.29 -20.09 2.30
CA LYS B 281 -12.86 -20.82 1.11
C LYS B 281 -12.61 -19.79 0.05
N GLU B 282 -11.62 -20.06 -0.82
CA GLU B 282 -11.38 -19.15 -1.93
C GLU B 282 -11.71 -19.80 -3.23
N TYR B 283 -12.59 -19.14 -3.96
CA TYR B 283 -13.06 -19.66 -5.24
C TYR B 283 -12.25 -19.09 -6.39
N VAL B 284 -12.10 -19.84 -7.48
CA VAL B 284 -11.32 -19.31 -8.60
C VAL B 284 -11.97 -19.37 -10.00
N LYS B 285 -13.23 -19.75 -10.14
CA LYS B 285 -13.82 -19.92 -11.48
C LYS B 285 -13.61 -18.69 -12.36
N TYR B 286 -13.83 -17.50 -11.78
CA TYR B 286 -13.68 -16.20 -12.50
C TYR B 286 -12.33 -15.51 -12.28
N SER B 287 -11.37 -16.29 -11.79
CA SER B 287 -10.04 -15.82 -11.46
C SER B 287 -9.00 -16.58 -12.29
N TRP B 288 -7.87 -15.94 -12.58
CA TRP B 288 -6.83 -16.49 -13.47
C TRP B 288 -5.94 -17.47 -12.69
N PHE B 289 -6.53 -18.56 -12.22
CA PHE B 289 -5.81 -19.62 -11.50
C PHE B 289 -6.40 -20.97 -11.94
N ALA B 290 -5.65 -22.05 -11.78
CA ALA B 290 -6.01 -23.35 -12.32
C ALA B 290 -7.28 -23.81 -11.63
N GLU B 291 -8.23 -24.26 -12.46
CA GLU B 291 -9.57 -24.65 -12.01
C GLU B 291 -9.53 -25.66 -10.83
N GLU B 292 -8.59 -26.60 -10.84
CA GLU B 292 -8.54 -27.61 -9.77
C GLU B 292 -8.16 -27.07 -8.40
N THR B 293 -7.81 -25.78 -8.33
CA THR B 293 -7.47 -25.12 -7.05
C THR B 293 -8.61 -24.39 -6.36
N THR B 294 -9.81 -24.48 -6.92
CA THR B 294 -11.00 -23.74 -6.43
C THR B 294 -11.57 -24.29 -5.12
N GLY B 295 -12.10 -23.38 -4.31
CA GLY B 295 -12.81 -23.77 -3.10
C GLY B 295 -12.01 -24.28 -1.90
N LEU B 296 -10.75 -23.87 -1.80
CA LEU B 296 -9.86 -24.34 -0.74
C LEU B 296 -9.83 -23.34 0.45
N ASN B 297 -9.92 -23.85 1.68
CA ASN B 297 -9.53 -23.07 2.84
C ASN B 297 -8.05 -22.70 2.71
N TYR B 298 -7.63 -21.60 3.35
CA TYR B 298 -6.24 -21.09 3.25
C TYR B 298 -5.21 -22.08 3.78
N LYS B 299 -5.60 -22.98 4.68
CA LYS B 299 -4.63 -23.92 5.28
C LYS B 299 -4.21 -24.94 4.25
N GLU B 300 -5.03 -25.09 3.21
CA GLU B 300 -4.80 -26.03 2.10
C GLU B 300 -4.72 -25.23 0.79
N GLY B 301 -4.44 -23.94 0.90
CA GLY B 301 -4.44 -23.00 -0.25
C GLY B 301 -3.35 -23.30 -1.26
N LYS B 302 -3.66 -23.06 -2.53
CA LYS B 302 -2.72 -23.27 -3.62
C LYS B 302 -2.81 -22.08 -4.56
N THR B 303 -1.66 -21.67 -5.10
CA THR B 303 -1.64 -20.52 -6.01
C THR B 303 -0.97 -20.97 -7.31
N ILE B 304 -1.79 -21.34 -8.30
CA ILE B 304 -1.31 -21.80 -9.61
C ILE B 304 -1.93 -20.91 -10.69
N PRO B 305 -1.15 -19.95 -11.18
CA PRO B 305 -1.68 -18.94 -12.12
C PRO B 305 -2.07 -19.52 -13.44
N ALA B 306 -3.20 -19.05 -13.97
CA ALA B 306 -3.68 -19.49 -15.28
C ALA B 306 -4.17 -18.25 -16.07
N PRO B 307 -3.23 -17.44 -16.56
CA PRO B 307 -3.66 -16.17 -17.17
C PRO B 307 -4.45 -16.32 -18.48
N ASP B 308 -4.39 -17.48 -19.12
CA ASP B 308 -5.22 -17.69 -20.31
C ASP B 308 -6.56 -18.34 -20.04
N LYS B 309 -6.90 -18.63 -18.78
CA LYS B 309 -8.15 -19.38 -18.54
C LYS B 309 -9.43 -18.66 -19.05
N ALA B 310 -10.22 -19.38 -19.83
CA ALA B 310 -11.47 -18.91 -20.43
C ALA B 310 -12.44 -18.44 -19.35
N GLY B 311 -13.17 -17.35 -19.58
CA GLY B 311 -14.13 -16.86 -18.60
C GLY B 311 -13.59 -16.03 -17.45
N ALA B 312 -12.33 -16.22 -17.03
CA ALA B 312 -11.84 -15.47 -15.86
C ALA B 312 -11.59 -14.00 -16.18
N TYR B 313 -11.55 -13.13 -15.18
CA TYR B 313 -11.46 -11.72 -15.43
C TYR B 313 -10.65 -10.96 -14.37
N SER B 314 -9.96 -11.70 -13.50
CA SER B 314 -9.24 -11.06 -12.42
C SER B 314 -8.13 -11.93 -11.85
N PHE B 315 -7.03 -11.34 -11.36
CA PHE B 315 -6.05 -12.08 -10.55
C PHE B 315 -6.40 -12.15 -9.06
N VAL B 316 -7.52 -11.54 -8.66
CA VAL B 316 -8.04 -11.67 -7.29
C VAL B 316 -8.85 -13.00 -7.19
N LYS B 317 -8.52 -13.85 -6.22
CA LYS B 317 -9.39 -15.00 -5.87
C LYS B 317 -10.69 -14.51 -5.27
N ALA B 318 -11.70 -15.38 -5.14
CA ALA B 318 -13.00 -15.02 -4.56
C ALA B 318 -13.26 -15.71 -3.20
N PRO B 319 -12.93 -15.02 -2.10
CA PRO B 319 -13.11 -15.61 -0.76
C PRO B 319 -14.56 -15.56 -0.33
N ARG B 320 -15.07 -16.68 0.19
CA ARG B 320 -16.43 -16.66 0.74
C ARG B 320 -16.42 -17.21 2.16
N TYR B 321 -17.28 -16.62 3.00
CA TYR B 321 -17.43 -17.09 4.36
C TYR B 321 -18.73 -17.88 4.50
N ASP B 322 -18.59 -19.19 4.67
CA ASP B 322 -19.77 -20.07 4.78
C ASP B 322 -20.61 -19.82 3.52
N GLY B 323 -19.92 -19.61 2.39
CA GLY B 323 -20.56 -19.27 1.13
C GLY B 323 -21.05 -17.83 0.96
N LEU B 324 -20.81 -16.96 1.95
CA LEU B 324 -21.28 -15.55 1.90
C LEU B 324 -20.23 -14.63 1.30
N SER B 325 -20.66 -13.67 0.50
CA SER B 325 -19.84 -12.57 0.02
C SER B 325 -20.00 -11.42 1.00
N LEU B 326 -18.88 -11.05 1.62
CA LEU B 326 -18.77 -10.19 2.80
C LEU B 326 -17.87 -9.03 2.41
N GLU B 327 -18.03 -7.88 3.04
CA GLU B 327 -17.08 -6.78 2.92
C GLU B 327 -16.31 -6.58 4.24
N VAL B 328 -15.19 -5.85 4.17
CA VAL B 328 -14.31 -5.58 5.32
C VAL B 328 -13.82 -4.12 5.27
N GLY B 329 -13.19 -3.68 6.35
CA GLY B 329 -12.71 -2.30 6.44
C GLY B 329 -13.25 -1.58 7.68
N PRO B 330 -12.95 -0.25 7.81
CA PRO B 330 -13.46 0.48 8.96
C PRO B 330 -14.99 0.30 9.16
N LEU B 331 -15.79 0.48 8.11
CA LEU B 331 -17.23 0.23 8.27
C LEU B 331 -17.54 -1.12 8.95
N ALA B 332 -16.99 -2.20 8.41
CA ALA B 332 -17.25 -3.54 8.94
C ALA B 332 -16.83 -3.66 10.41
N ARG B 333 -15.66 -3.12 10.75
CA ARG B 333 -15.16 -3.14 12.12
C ARG B 333 -16.04 -2.33 13.06
N MET B 334 -16.39 -1.13 12.65
CA MET B 334 -17.19 -0.24 13.49
C MET B 334 -18.61 -0.81 13.64
N TRP B 335 -19.13 -1.43 12.59
CA TRP B 335 -20.49 -2.03 12.62
C TRP B 335 -20.55 -3.27 13.56
N VAL B 336 -19.64 -4.22 13.32
CA VAL B 336 -19.47 -5.37 14.22
C VAL B 336 -19.28 -4.99 15.68
N ASN B 337 -18.36 -4.08 15.94
CA ASN B 337 -18.07 -3.67 17.34
C ASN B 337 -19.05 -2.68 17.96
N ASN B 338 -19.63 -1.82 17.14
CA ASN B 338 -20.64 -0.81 17.56
C ASN B 338 -20.15 0.09 18.70
N PRO B 339 -19.01 0.79 18.52
CA PRO B 339 -18.56 1.64 19.62
C PRO B 339 -19.34 2.96 19.67
N GLU B 340 -19.16 3.70 20.75
CA GLU B 340 -19.63 5.08 20.84
C GLU B 340 -19.13 5.94 19.68
N LEU B 341 -20.04 6.72 19.08
CA LEU B 341 -19.62 7.71 18.09
C LEU B 341 -18.76 8.75 18.77
N SER B 342 -17.84 9.38 18.03
CA SER B 342 -17.00 10.45 18.58
C SER B 342 -17.85 11.66 18.94
N PRO B 343 -17.29 12.60 19.76
CA PRO B 343 -18.06 13.78 20.16
C PRO B 343 -18.26 14.78 19.00
N VAL B 344 -17.26 14.89 18.12
CA VAL B 344 -17.40 15.67 16.88
C VAL B 344 -18.52 15.09 16.00
N GLY B 345 -18.51 13.79 15.78
CA GLY B 345 -19.53 13.15 14.97
C GLY B 345 -20.93 13.36 15.54
N LYS B 346 -21.04 13.17 16.84
CA LYS B 346 -22.33 13.36 17.50
C LYS B 346 -22.86 14.76 17.29
N LYS B 347 -21.98 15.76 17.42
CA LYS B 347 -22.39 17.16 17.28
C LYS B 347 -22.76 17.46 15.83
N LEU B 348 -21.92 17.02 14.91
CA LEU B 348 -22.12 17.29 13.50
C LEU B 348 -23.32 16.55 12.92
N LEU B 349 -23.54 15.30 13.35
CA LEU B 349 -24.75 14.58 12.96
C LEU B 349 -26.01 15.38 13.31
N LYS B 350 -26.05 15.90 14.54
CA LYS B 350 -27.12 16.77 14.99
C LYS B 350 -27.22 18.06 14.18
N ASP B 351 -26.14 18.85 14.12
CA ASP B 351 -26.14 20.17 13.47
C ASP B 351 -26.44 20.13 11.95
N LEU B 352 -25.82 19.18 11.24
CA LEU B 352 -25.87 19.15 9.77
C LEU B 352 -26.85 18.13 9.19
N PHE B 353 -27.27 17.15 9.97
CA PHE B 353 -28.08 16.06 9.44
C PHE B 353 -29.37 15.91 10.21
N GLY B 354 -29.47 16.54 11.39
CA GLY B 354 -30.69 16.50 12.17
C GLY B 354 -30.89 15.17 12.89
N ILE B 355 -29.77 14.44 13.05
CA ILE B 355 -29.74 13.09 13.65
C ILE B 355 -29.12 13.11 15.05
N SER B 356 -29.82 12.53 16.04
CA SER B 356 -29.23 12.29 17.36
C SER B 356 -28.83 10.81 17.48
N ALA B 357 -27.54 10.56 17.59
CA ALA B 357 -27.03 9.21 17.65
C ALA B 357 -26.00 9.09 18.78
N LYS B 358 -25.86 7.89 19.34
CA LYS B 358 -24.88 7.67 20.40
C LYS B 358 -23.89 6.59 20.01
N LYS B 359 -24.37 5.45 19.52
CA LYS B 359 -23.46 4.40 18.99
C LYS B 359 -23.58 4.23 17.47
N PHE B 360 -22.50 3.72 16.89
CA PHE B 360 -22.39 3.60 15.46
C PHE B 360 -23.67 3.04 14.77
N ARG B 361 -24.29 2.00 15.33
CA ARG B 361 -25.43 1.31 14.69
C ARG B 361 -26.72 2.12 14.76
N ASP B 362 -26.68 3.22 15.52
CA ASP B 362 -27.80 4.16 15.64
C ASP B 362 -28.12 4.85 14.33
N LEU B 363 -27.13 4.87 13.43
CA LEU B 363 -27.28 5.46 12.10
C LEU B 363 -28.06 4.55 11.15
N GLY B 364 -28.12 3.26 11.48
CA GLY B 364 -28.96 2.34 10.72
C GLY B 364 -28.14 1.67 9.64
N GLU B 365 -28.45 0.40 9.36
CA GLU B 365 -27.81 -0.40 8.33
C GLU B 365 -27.76 0.34 6.98
N GLU B 366 -28.88 0.94 6.54
CA GLU B 366 -28.95 1.56 5.21
C GLU B 366 -27.91 2.68 5.02
N ALA B 367 -27.82 3.57 5.98
CA ALA B 367 -26.93 4.74 5.90
C ALA B 367 -25.45 4.39 6.18
N ALA B 368 -25.22 3.39 7.02
CA ALA B 368 -23.88 2.94 7.34
C ALA B 368 -23.23 2.27 6.12
N PHE B 369 -23.98 1.36 5.49
CA PHE B 369 -23.48 0.60 4.34
C PHE B 369 -23.89 1.35 3.11
N SER B 370 -23.25 2.48 2.89
CA SER B 370 -23.49 3.30 1.70
C SER B 370 -22.16 3.91 1.30
N LEU B 371 -22.11 4.52 0.13
CA LEU B 371 -20.89 5.14 -0.35
C LEU B 371 -20.27 6.09 0.68
N MET B 372 -21.02 7.12 1.07
CA MET B 372 -20.49 8.13 1.97
C MET B 372 -20.38 7.60 3.43
N GLY B 373 -21.19 6.61 3.78
CA GLY B 373 -21.16 6.00 5.11
C GLY B 373 -19.79 5.40 5.37
N ARG B 374 -19.19 4.80 4.33
CA ARG B 374 -17.88 4.20 4.49
C ARG B 374 -16.76 5.23 4.75
N HIS B 375 -16.87 6.41 4.14
CA HIS B 375 -15.95 7.54 4.45
C HIS B 375 -16.13 8.03 5.88
N VAL B 376 -17.37 8.12 6.34
CA VAL B 376 -17.66 8.50 7.72
C VAL B 376 -17.14 7.43 8.72
N ALA B 377 -17.27 6.15 8.38
CA ALA B 377 -16.79 5.08 9.28
C ALA B 377 -15.28 5.15 9.43
N ARG B 378 -14.58 5.42 8.32
CA ARG B 378 -13.12 5.61 8.33
C ARG B 378 -12.66 6.80 9.18
N ALA B 379 -13.36 7.93 9.05
CA ALA B 379 -13.07 9.11 9.88
C ALA B 379 -13.28 8.82 11.36
N GLU B 380 -14.39 8.14 11.68
CA GLU B 380 -14.73 7.78 13.07
C GLU B 380 -13.71 6.82 13.63
N GLU B 381 -13.30 5.84 12.82
CA GLU B 381 -12.36 4.85 13.29
C GLU B 381 -11.00 5.48 13.55
N THR B 382 -10.62 6.45 12.73
CA THR B 382 -9.41 7.23 13.00
C THR B 382 -9.43 7.88 14.38
N TYR B 383 -10.57 8.45 14.76
CA TYR B 383 -10.75 9.08 16.05
C TYR B 383 -10.60 8.01 17.13
N TYR B 384 -11.19 6.85 16.86
CA TYR B 384 -11.25 5.73 17.80
C TYR B 384 -9.84 5.21 18.06
N MET B 385 -9.02 5.18 17.00
CA MET B 385 -7.58 4.87 17.08
C MET B 385 -6.71 5.84 17.92
N LEU B 386 -7.04 7.13 17.96
CA LEU B 386 -6.34 8.04 18.89
C LEU B 386 -6.38 7.54 20.35
N GLY B 387 -7.57 7.09 20.80
CA GLY B 387 -7.72 6.64 22.18
C GLY B 387 -6.90 5.37 22.45
N ALA B 388 -6.78 4.52 21.43
CA ALA B 388 -6.07 3.28 21.59
C ALA B 388 -4.58 3.59 21.72
N ILE B 389 -4.07 4.47 20.86
CA ILE B 389 -2.66 4.88 20.86
C ILE B 389 -2.27 5.56 22.19
N GLU B 390 -3.08 6.51 22.63
CA GLU B 390 -2.92 7.17 23.96
C GLU B 390 -2.89 6.12 25.08
N GLY B 391 -3.76 5.11 24.99
CA GLY B 391 -3.71 3.94 25.89
C GLY B 391 -2.37 3.22 25.84
N TRP B 392 -1.87 2.94 24.64
CA TRP B 392 -0.57 2.29 24.52
C TRP B 392 0.62 3.14 25.01
N LEU B 393 0.55 4.45 24.78
CA LEU B 393 1.55 5.39 25.29
C LEU B 393 1.56 5.41 26.81
N LYS B 394 0.43 5.16 27.46
CA LYS B 394 0.42 5.06 28.92
C LYS B 394 0.97 3.73 29.41
N GLU B 395 0.64 2.67 28.68
CA GLU B 395 0.96 1.27 29.03
C GLU B 395 2.44 0.92 28.86
N ILE B 396 3.05 1.49 27.83
CA ILE B 396 4.45 1.20 27.45
C ILE B 396 5.44 1.53 28.60
N LYS B 397 6.50 0.73 28.71
CA LYS B 397 7.53 0.93 29.73
C LYS B 397 8.90 1.07 29.05
N ALA B 398 9.48 2.25 29.17
CA ALA B 398 10.79 2.53 28.60
C ALA B 398 11.79 1.55 29.23
N GLY B 399 12.64 0.97 28.39
CA GLY B 399 13.72 0.10 28.88
C GLY B 399 13.41 -1.37 29.05
N GLU B 400 12.14 -1.77 28.99
CA GLU B 400 11.76 -3.17 29.17
C GLU B 400 11.93 -3.99 27.88
N ASP B 401 12.43 -5.21 27.99
CA ASP B 401 12.79 -5.96 26.78
C ASP B 401 11.53 -6.21 25.93
N THR B 402 11.72 -6.19 24.60
CA THR B 402 10.63 -6.28 23.65
C THR B 402 10.73 -7.47 22.70
N VAL B 403 11.79 -8.27 22.85
CA VAL B 403 11.99 -9.39 21.92
C VAL B 403 12.64 -10.63 22.60
N VAL B 404 12.26 -11.80 22.09
CA VAL B 404 12.95 -13.06 22.34
C VAL B 404 13.50 -13.56 21.00
N MET B 405 14.50 -14.41 21.04
CA MET B 405 15.19 -14.86 19.83
C MET B 405 14.94 -16.33 19.62
N PRO B 406 13.84 -16.71 18.98
CA PRO B 406 13.55 -18.16 18.95
C PRO B 406 14.28 -18.88 17.80
N ALA B 407 14.69 -20.12 18.01
CA ALA B 407 15.22 -20.95 16.94
C ALA B 407 14.11 -21.26 15.91
N VAL B 408 14.52 -21.46 14.65
CA VAL B 408 13.64 -21.83 13.58
C VAL B 408 13.29 -23.31 13.79
N PRO B 409 11.98 -23.66 13.80
CA PRO B 409 11.66 -25.07 13.95
C PRO B 409 11.77 -25.85 12.63
N ALA B 410 11.97 -27.16 12.69
CA ALA B 410 12.02 -28.00 11.50
C ALA B 410 10.63 -28.14 10.90
N SER B 411 9.64 -28.39 11.77
CA SER B 411 8.23 -28.57 11.35
C SER B 411 7.25 -27.75 12.18
N ALA B 412 6.45 -26.92 11.52
CA ALA B 412 5.46 -26.19 12.29
C ALA B 412 4.44 -25.55 11.40
N GLU B 413 3.38 -25.01 12.02
CA GLU B 413 2.47 -24.16 11.31
C GLU B 413 2.01 -23.02 12.19
N GLY B 414 1.57 -21.93 11.59
CA GLY B 414 1.11 -20.76 12.33
C GLY B 414 0.14 -19.96 11.49
N THR B 415 -0.81 -19.30 12.14
CA THR B 415 -1.70 -18.35 11.47
C THR B 415 -1.72 -17.02 12.25
N GLY B 416 -1.50 -15.90 11.57
CA GLY B 416 -1.68 -14.59 12.20
C GLY B 416 -2.90 -13.91 11.62
N PHE B 417 -3.84 -13.52 12.49
CA PHE B 417 -5.01 -12.74 12.10
C PHE B 417 -4.88 -11.33 12.63
N THR B 418 -5.20 -10.35 11.78
CA THR B 418 -5.28 -8.96 12.24
C THR B 418 -6.17 -8.13 11.33
N GLU B 419 -6.36 -6.86 11.68
CA GLU B 419 -7.12 -5.95 10.83
C GLU B 419 -6.17 -4.90 10.21
N ALA B 420 -6.01 -4.95 8.90
CA ALA B 420 -5.30 -3.91 8.16
C ALA B 420 -6.23 -2.72 8.06
N PRO B 421 -5.66 -1.53 7.80
CA PRO B 421 -6.51 -0.34 7.68
C PRO B 421 -7.68 -0.59 6.74
N ARG B 422 -7.51 -1.41 5.70
CA ARG B 422 -8.63 -1.67 4.77
C ARG B 422 -9.52 -2.89 5.10
N GLY B 423 -9.17 -3.64 6.14
CA GLY B 423 -10.00 -4.77 6.59
C GLY B 423 -9.17 -5.98 6.97
N SER B 424 -9.88 -7.10 7.09
CA SER B 424 -9.36 -8.33 7.66
C SER B 424 -8.19 -8.92 6.89
N LEU B 425 -7.16 -9.34 7.61
CA LEU B 425 -5.97 -9.91 7.00
C LEU B 425 -5.56 -11.13 7.78
N LEU B 426 -5.15 -12.18 7.09
CA LEU B 426 -4.52 -13.31 7.74
C LEU B 426 -3.39 -13.88 6.88
N HIS B 427 -2.41 -14.45 7.54
CA HIS B 427 -1.27 -15.09 6.89
C HIS B 427 -1.21 -16.45 7.54
N TYR B 428 -1.12 -17.47 6.71
CA TYR B 428 -0.89 -18.79 7.20
C TYR B 428 0.47 -19.26 6.71
N VAL B 429 1.29 -19.81 7.59
CA VAL B 429 2.54 -20.43 7.19
C VAL B 429 2.65 -21.90 7.59
N LYS B 430 3.14 -22.71 6.66
CA LYS B 430 3.52 -24.10 6.94
C LYS B 430 5.01 -24.25 6.79
N VAL B 431 5.66 -24.81 7.80
CA VAL B 431 7.11 -24.95 7.80
C VAL B 431 7.52 -26.39 7.76
N LYS B 432 8.46 -26.71 6.88
CA LYS B 432 8.92 -28.07 6.70
C LYS B 432 10.38 -28.02 6.29
N ASP B 433 11.16 -28.90 6.91
CA ASP B 433 12.62 -28.95 6.77
C ASP B 433 13.22 -27.58 7.07
N SER B 434 12.63 -26.90 8.06
CA SER B 434 13.04 -25.55 8.50
C SER B 434 12.90 -24.50 7.39
N LYS B 435 12.11 -24.81 6.38
CA LYS B 435 11.86 -23.89 5.26
C LYS B 435 10.36 -23.66 5.10
N ILE B 436 9.97 -22.56 4.47
CA ILE B 436 8.58 -22.35 4.09
C ILE B 436 8.08 -23.38 3.07
N ASP B 437 7.07 -24.17 3.46
CA ASP B 437 6.48 -25.20 2.60
C ASP B 437 5.20 -24.69 1.93
N ASN B 438 4.43 -23.88 2.67
CA ASN B 438 3.28 -23.20 2.10
C ASN B 438 3.15 -21.88 2.81
N TYR B 439 2.73 -20.86 2.07
CA TYR B 439 2.41 -19.57 2.69
C TYR B 439 1.16 -19.05 1.96
N GLN B 440 0.10 -18.76 2.71
CA GLN B 440 -1.15 -18.27 2.12
C GLN B 440 -1.63 -16.97 2.78
N ILE B 441 -2.05 -16.04 1.95
CA ILE B 441 -2.50 -14.76 2.39
C ILE B 441 -3.92 -14.53 1.85
N VAL B 442 -4.75 -14.14 2.81
CA VAL B 442 -6.10 -13.69 2.60
C VAL B 442 -6.18 -12.27 3.14
N SER B 443 -6.21 -11.30 2.20
CA SER B 443 -6.09 -9.89 2.55
C SER B 443 -7.39 -9.11 2.51
N ALA B 444 -7.34 -7.85 2.97
CA ALA B 444 -8.52 -6.97 3.06
C ALA B 444 -9.20 -6.73 1.73
N SER B 445 -8.45 -6.20 0.79
CA SER B 445 -9.04 -5.83 -0.51
C SER B 445 -9.36 -7.06 -1.37
N LEU B 446 -8.89 -8.22 -0.91
CA LEU B 446 -9.26 -9.48 -1.51
C LEU B 446 -10.75 -9.73 -1.18
N TRP B 447 -11.14 -9.47 0.08
CA TRP B 447 -12.56 -9.54 0.48
C TRP B 447 -13.43 -8.53 -0.24
N ASN B 448 -12.95 -7.32 -0.47
CA ASN B 448 -13.80 -6.27 -1.05
C ASN B 448 -13.87 -6.32 -2.61
N CYS B 449 -12.70 -6.44 -3.26
CA CYS B 449 -12.58 -6.16 -4.72
C CYS B 449 -12.42 -7.42 -5.55
N ASN B 450 -13.02 -8.53 -5.08
CA ASN B 450 -12.90 -9.84 -5.73
C ASN B 450 -13.94 -10.11 -6.81
N PRO B 451 -13.65 -11.06 -7.72
CA PRO B 451 -14.62 -11.21 -8.75
C PRO B 451 -15.72 -12.17 -8.25
N ARG B 452 -16.61 -12.56 -9.15
CA ARG B 452 -17.57 -13.67 -8.89
C ARG B 452 -16.93 -14.97 -8.40
N ASP B 453 -17.68 -15.70 -7.57
CA ASP B 453 -17.26 -17.01 -7.11
C ASP B 453 -17.80 -18.04 -8.09
N ASP B 454 -17.46 -19.29 -7.87
CA ASP B 454 -17.94 -20.41 -8.68
C ASP B 454 -19.46 -20.47 -8.79
N MET B 455 -20.18 -19.85 -7.85
CA MET B 455 -21.66 -19.92 -7.85
C MET B 455 -22.29 -18.71 -8.56
N GLY B 456 -21.43 -17.85 -9.10
CA GLY B 456 -21.85 -16.63 -9.82
C GLY B 456 -22.30 -15.48 -8.92
N GLN B 457 -22.03 -15.60 -7.62
CA GLN B 457 -22.35 -14.55 -6.67
C GLN B 457 -21.23 -13.51 -6.78
N ARG B 458 -21.57 -12.23 -6.82
CA ARG B 458 -20.64 -11.12 -6.98
C ARG B 458 -19.80 -10.85 -5.75
N GLY B 459 -18.68 -10.17 -5.94
CA GLY B 459 -17.88 -9.73 -4.81
C GLY B 459 -18.52 -8.56 -4.14
N ALA B 460 -18.02 -8.19 -2.97
CA ALA B 460 -18.64 -7.10 -2.20
C ALA B 460 -18.71 -5.76 -2.97
N VAL B 461 -17.60 -5.32 -3.59
CA VAL B 461 -17.62 -4.00 -4.29
C VAL B 461 -18.48 -4.12 -5.56
N GLU B 462 -18.34 -5.25 -6.27
CA GLU B 462 -19.16 -5.53 -7.46
C GLU B 462 -20.64 -5.37 -7.11
N GLU B 463 -21.05 -5.91 -5.95
CA GLU B 463 -22.46 -5.90 -5.58
C GLU B 463 -22.81 -4.50 -5.08
N ALA B 464 -21.85 -3.83 -4.42
CA ALA B 464 -22.12 -2.47 -3.94
C ALA B 464 -22.26 -1.47 -5.11
N LEU B 465 -21.72 -1.80 -6.27
CA LEU B 465 -21.93 -0.98 -7.47
C LEU B 465 -23.35 -1.03 -8.01
N ILE B 466 -24.11 -2.12 -7.76
CA ILE B 466 -25.47 -2.25 -8.29
C ILE B 466 -26.35 -1.17 -7.68
N GLY B 467 -27.09 -0.46 -8.54
CA GLY B 467 -27.91 0.67 -8.11
C GLY B 467 -27.25 2.04 -8.10
N ILE B 468 -25.93 2.10 -8.29
CA ILE B 468 -25.22 3.39 -8.28
C ILE B 468 -25.73 4.24 -9.47
N PRO B 469 -26.14 5.50 -9.19
CA PRO B 469 -26.60 6.43 -10.25
C PRO B 469 -25.54 6.91 -11.25
N VAL B 470 -25.89 6.81 -12.53
CA VAL B 470 -25.06 7.27 -13.64
C VAL B 470 -26.01 7.93 -14.63
N ASP B 471 -26.45 9.12 -14.30
CA ASP B 471 -27.50 9.75 -15.10
C ASP B 471 -26.87 10.44 -16.30
N ASP B 472 -25.54 10.50 -16.33
CA ASP B 472 -24.81 11.01 -17.48
C ASP B 472 -23.69 10.06 -17.89
N ILE B 473 -23.92 9.29 -18.95
CA ILE B 473 -22.98 8.28 -19.34
C ILE B 473 -21.61 8.85 -19.77
N GLN B 474 -21.56 10.12 -20.19
CA GLN B 474 -20.28 10.75 -20.61
C GLN B 474 -19.43 11.20 -19.42
N ASN B 475 -20.07 11.43 -18.27
CA ASN B 475 -19.40 11.77 -17.01
C ASN B 475 -19.81 10.79 -15.89
N PRO B 476 -19.30 9.56 -15.94
CA PRO B 476 -19.90 8.60 -15.04
C PRO B 476 -19.20 8.56 -13.66
N VAL B 477 -19.21 9.69 -12.97
CA VAL B 477 -18.32 9.91 -11.83
C VAL B 477 -18.59 8.99 -10.62
N ASN B 478 -19.84 8.59 -10.44
CA ASN B 478 -20.22 7.85 -9.26
C ASN B 478 -19.63 6.44 -9.22
N VAL B 479 -19.29 5.91 -10.40
CA VAL B 479 -18.67 4.58 -10.46
C VAL B 479 -17.34 4.53 -9.68
N ALA B 480 -16.38 5.38 -10.02
CA ALA B 480 -15.11 5.37 -9.28
C ALA B 480 -15.30 5.90 -7.85
N ARG B 481 -16.25 6.80 -7.63
CA ARG B 481 -16.55 7.28 -6.28
C ARG B 481 -16.97 6.12 -5.38
N LEU B 482 -17.82 5.21 -5.88
CA LEU B 482 -18.25 4.08 -5.06
C LEU B 482 -17.06 3.19 -4.69
N ILE B 483 -16.28 2.82 -5.71
CA ILE B 483 -15.04 2.05 -5.52
C ILE B 483 -14.10 2.68 -4.47
N ARG B 484 -13.84 3.99 -4.59
CA ARG B 484 -12.89 4.69 -3.72
C ARG B 484 -13.31 4.69 -2.25
N ALA B 485 -14.63 4.70 -1.99
CA ALA B 485 -15.17 4.59 -0.62
C ALA B 485 -14.68 3.31 0.10
N PHE B 486 -14.38 2.23 -0.62
CA PHE B 486 -13.79 1.00 -0.05
C PHE B 486 -12.25 1.06 0.14
N ASP B 487 -11.61 2.12 -0.35
CA ASP B 487 -10.15 2.30 -0.20
C ASP B 487 -9.35 1.08 -0.73
N PRO B 488 -9.63 0.64 -1.99
CA PRO B 488 -8.98 -0.58 -2.50
C PRO B 488 -7.48 -0.48 -2.65
N PSW B 489 -6.78 -1.60 -2.47
N PSW B 489 -6.78 -1.60 -2.47
C PSW B 489 -5.20 -3.04 -3.47
C PSW B 489 -5.20 -3.04 -3.47
O PSW B 489 -5.38 -4.08 -2.81
O PSW B 489 -5.38 -4.08 -2.81
CA PSW B 489 -5.35 -1.67 -2.87
CA PSW B 489 -5.35 -1.73 -2.73
CB PSW B 489 -4.15 -1.46 -1.95
CB PSW B 489 -4.73 -2.00 -1.37
SE PSW B 489 -4.45 -2.06 -0.12
SE PSW B 489 -3.52 -0.57 -0.78
SD PSW B 489 -3.21 -0.74 1.00
SD PSW B 489 -3.41 -0.86 1.35
N SEC B 489 -6.78 -1.60 -2.47
CA SEC B 489 -5.39 -1.65 -2.84
C SEC B 489 -5.20 -3.04 -3.47
N LEU B 490 -4.90 -3.01 -4.75
CA LEU B 490 -4.95 -4.25 -5.53
C LEU B 490 -3.66 -5.02 -5.40
N GLY B 491 -2.60 -4.34 -4.94
CA GLY B 491 -1.40 -5.04 -4.54
C GLY B 491 -1.74 -6.03 -3.44
N CYS B 492 -2.40 -5.59 -2.36
CA CYS B 492 -2.94 -6.48 -1.35
C CYS B 492 -3.89 -7.58 -1.83
N ALA B 493 -4.83 -7.20 -2.68
CA ALA B 493 -5.87 -8.11 -3.18
C ALA B 493 -5.28 -9.27 -3.96
N VAL B 494 -4.24 -9.00 -4.73
CA VAL B 494 -3.70 -10.03 -5.64
C VAL B 494 -2.45 -10.71 -5.06
N HIS B 495 -1.53 -9.91 -4.54
CA HIS B 495 -0.22 -10.41 -4.06
C HIS B 495 0.49 -11.37 -5.04
FE1 SF4 C . 26.33 -4.08 9.92
FE2 SF4 C . 28.18 -4.48 11.90
FE3 SF4 C . 27.66 -2.00 10.96
FE4 SF4 C . 28.99 -3.69 9.43
S1 SF4 C . 29.73 -2.84 11.46
S2 SF4 C . 27.26 -2.36 8.72
S3 SF4 C . 27.98 -5.70 9.95
S4 SF4 C . 26.18 -3.35 12.12
FE1 SF4 D . 18.07 -0.54 2.43
FE2 SF4 D . 17.93 -0.05 5.14
FE3 SF4 D . 19.62 1.40 3.64
FE4 SF4 D . 20.24 -1.22 4.16
S1 SF4 D . 20.11 0.52 5.66
S2 SF4 D . 20.33 -0.16 2.12
S3 SF4 D . 18.13 -2.08 4.10
S4 SF4 D . 17.30 1.31 3.45
FE1 SF4 E . 7.56 -1.60 -3.75
FE2 SF4 E . 9.41 0.09 -4.61
FE3 SF4 E . 9.26 -2.51 -5.68
FE4 SF4 E . 10.19 -2.11 -3.16
S1 SF4 E . 11.18 -1.33 -5.08
S2 SF4 E . 8.58 -3.69 -3.80
S3 SF4 E . 8.96 -0.35 -2.36
S4 SF4 E . 7.74 -0.83 -5.91
FE1 FSX F . 9.66 -2.83 -5.89
FE2 FSX F . 7.99 0.33 -5.89
FE3 FSX F . 10.15 -2.37 -3.25
FE4 FSX F . 7.48 -1.75 -3.15
O1 FSX F . 9.46 0.58 -4.60
S2 FSX F . 11.13 -1.38 -5.00
S3 FSX F . 8.46 -3.33 -4.19
S4 FSX F . 9.19 -0.53 -2.39
O24 FSX F . 6.92 -0.83 -4.80
O12 FSX F . 8.67 -1.32 -6.68
C12 SBY G . 6.10 19.49 0.94
C11 SBY G . 5.18 18.86 -0.13
C10 SBY G . 5.71 17.55 -0.74
C9 SBY G . 4.73 16.85 -1.69
C8 SBY G . 5.24 15.54 -2.26
C7 SBY G . 4.34 15.05 -3.41
C6 SBY G . 4.92 13.95 -4.32
C5 SBY G . 3.88 13.60 -5.39
C4 SBY G . 4.32 12.48 -6.33
C3 SBY G . 3.49 11.21 -6.15
C2 SBY G . 4.42 10.13 -5.67
C12 SBY H . 14.80 20.85 -17.74
C11 SBY H . 14.05 20.00 -16.70
C10 SBY H . 14.42 18.51 -16.73
C9 SBY H . 14.00 17.81 -15.42
C8 SBY H . 14.12 16.28 -15.43
C7 SBY H . 13.25 15.70 -14.32
C6 SBY H . 13.10 14.18 -14.35
C5 SBY H . 11.74 13.67 -13.86
C4 SBY H . 11.52 13.79 -12.35
C3 SBY H . 10.20 13.14 -11.86
C2 SBY H . 9.87 13.54 -10.42
C1 SBY H . 8.41 13.85 -10.13
FE FCO I . -3.67 -4.05 2.71
C1 FCO I . -5.28 -4.20 1.81
N1 FCO I . -6.29 -4.33 1.22
C2 FCO I . -4.49 -2.84 3.83
N2 FCO I . -4.91 -2.01 4.51
C3 FCO I . -3.92 -5.50 3.74
O3 FCO I . -4.20 -6.43 4.30
NI NI J . -2.49 -2.74 0.95
FE FE2 K . -3.85 -15.32 -1.42
CL CL L . -0.86 -1.04 7.78
C12 SBY M . -0.50 26.29 -3.97
C11 SBY M . -0.47 25.06 -4.89
C10 SBY M . -1.02 23.81 -4.18
C9 SBY M . -1.00 22.55 -5.02
C8 SBY M . -1.80 21.40 -4.34
C7 SBY M . -3.31 21.48 -4.62
C6 SBY M . -4.19 20.61 -3.72
C5 SBY M . -5.52 20.28 -4.38
C4 SBY M . -6.33 19.26 -3.58
C3 SBY M . -7.58 18.87 -4.36
C2 SBY M . -8.58 18.08 -3.52
C12 SBY N . 2.87 24.18 -1.17
C11 SBY N . 2.11 23.08 -1.94
C10 SBY N . 2.67 21.65 -1.72
C9 SBY N . 2.89 20.90 -3.05
C8 SBY N . 1.63 20.12 -3.44
C7 SBY N . 1.90 18.70 -3.93
C6 SBY N . 0.85 18.20 -4.92
C5 SBY N . 1.39 17.10 -5.84
C4 SBY N . 0.41 15.97 -6.17
C3 SBY N . 0.27 14.90 -5.09
#